data_1LO2
#
_entry.id   1LO2
#
_cell.length_a   40.528
_cell.length_b   140.095
_cell.length_c   85.476
_cell.angle_alpha   90.00
_cell.angle_beta   90.00
_cell.angle_gamma   90.00
#
_symmetry.space_group_name_H-M   'P 1 21 1'
#
loop_
_entity.id
_entity.type
_entity.pdbx_description
1 polymer 'If kappa light chain'
2 polymer 'Ig gamma 2a heavy chain'
3 non-polymer "[2'-CARBOXYLETHYL]-10-METHYL-ANTHRACENE ENDOPEROXIDE"
4 water water
#
loop_
_entity_poly.entity_id
_entity_poly.type
_entity_poly.pdbx_seq_one_letter_code
_entity_poly.pdbx_strand_id
1 'polypeptide(L)'
;DVLMTQTPLSLPVSLGDQVSIFCTSSQTIVHTNGNTYLEWYLQKPGQSPKLLIYKVSNRFSGVPDRFSGSGSGTDFTLKI
SRVETEDLGIYYCFQGSHFPLAFGAGTKLELKRADAAPTVSIFPPSSEQLTSGGASVVCFLNNFYPKDINVKWKIDGSER
QNGVLNSWTDQDSKDSTYSMSSTLTLTKDEYERHNSYTCEATHKTSTSPIVKSFNRNEC
;
X,L
2 'polypeptide(L)'
;EVKLVESGGGLVKPGGSLKLSCAASGFSFRNYGMSWVRQTPEKRLEWVASISYGGLIYYPDSIKGRFTISRDIAQNILYL
QMSSLRSEDTAMYHCIRGDSFLVWFTFWGQGTLVTVSAAKTTAPSVYPLAPVCGDTTGSSVTLGCLVKGYFPEPVTLTWN
SGSLSSGVHTFPAVLQSDLYTLSSSVTVTSSTWPSQSITCNVAHPASSTQVDKKIEPRGP
;
Y,H
#
loop_
_chem_comp.id
_chem_comp.type
_chem_comp.name
_chem_comp.formula
OX1 non-polymer '[2'-CARBOXYLETHYL]-10-METHYL-ANTHRACENE ENDOPEROXIDE' 'C18 H16 O4'
#
# COMPACT_ATOMS: atom_id res chain seq x y z
N ASP A 1 2.61 23.15 -10.67
CA ASP A 1 1.57 22.88 -9.62
C ASP A 1 1.05 24.20 -9.06
N VAL A 2 -0.13 24.16 -8.44
CA VAL A 2 -0.70 25.38 -7.84
C VAL A 2 -0.43 25.41 -6.34
N LEU A 3 0.23 26.47 -5.88
CA LEU A 3 0.55 26.58 -4.46
C LEU A 3 -0.42 27.56 -3.79
N MET A 4 -0.88 27.21 -2.59
CA MET A 4 -1.80 28.11 -1.86
C MET A 4 -1.01 28.79 -0.75
N THR A 5 -1.12 30.12 -0.68
CA THR A 5 -0.41 30.91 0.33
C THR A 5 -1.40 31.62 1.25
N GLN A 6 -1.32 31.31 2.54
CA GLN A 6 -2.21 31.93 3.52
C GLN A 6 -1.55 33.04 4.33
N THR A 7 -2.33 34.08 4.58
CA THR A 7 -1.88 35.24 5.36
C THR A 7 -3.04 35.79 6.20
N PRO A 8 -2.77 36.14 7.47
CA PRO A 8 -1.45 36.01 8.09
C PRO A 8 -1.34 34.60 8.67
N LEU A 9 -0.15 34.22 9.14
CA LEU A 9 0.00 32.91 9.73
C LEU A 9 -0.53 32.94 11.17
N SER A 10 -0.80 34.15 11.67
CA SER A 10 -1.31 34.36 13.01
C SER A 10 -2.17 35.62 13.05
N LEU A 11 -3.42 35.45 13.43
CA LEU A 11 -4.35 36.56 13.51
C LEU A 11 -4.85 36.77 14.93
N PRO A 12 -4.29 37.76 15.64
CA PRO A 12 -4.72 38.05 17.01
C PRO A 12 -6.03 38.81 16.92
N VAL A 13 -7.05 38.33 17.62
CA VAL A 13 -8.35 38.97 17.56
C VAL A 13 -8.93 39.18 18.95
N SER A 14 -10.00 39.99 19.00
CA SER A 14 -10.73 40.23 20.23
C SER A 14 -12.11 39.67 19.91
N LEU A 15 -12.76 39.10 20.90
CA LEU A 15 -14.08 38.54 20.71
C LEU A 15 -15.05 39.62 20.21
N GLY A 16 -15.95 39.23 19.32
CA GLY A 16 -16.91 40.17 18.76
C GLY A 16 -16.35 40.80 17.51
N ASP A 17 -15.07 40.54 17.24
CA ASP A 17 -14.39 41.08 16.06
C ASP A 17 -14.79 40.48 14.73
N GLN A 18 -14.81 41.33 13.70
CA GLN A 18 -15.10 40.91 12.34
C GLN A 18 -13.73 40.65 11.75
N VAL A 19 -13.52 39.44 11.23
CA VAL A 19 -12.22 39.09 10.68
C VAL A 19 -12.21 38.59 9.22
N SER A 20 -11.06 38.78 8.56
CA SER A 20 -10.84 38.33 7.17
C SER A 20 -9.47 37.68 7.03
N ILE A 21 -9.48 36.41 6.63
CA ILE A 21 -8.27 35.60 6.42
C ILE A 21 -8.09 35.42 4.93
N PHE A 22 -6.86 35.52 4.47
CA PHE A 22 -6.60 35.41 3.03
C PHE A 22 -5.82 34.21 2.56
N CYS A 23 -6.13 33.84 1.32
CA CYS A 23 -5.51 32.71 0.66
C CYS A 23 -5.23 33.07 -0.79
N THR A 24 -3.97 32.91 -1.20
CA THR A 24 -3.57 33.22 -2.56
C THR A 24 -3.06 31.98 -3.31
N SER A 25 -3.60 31.76 -4.50
CA SER A 25 -3.17 30.65 -5.32
C SER A 25 -2.14 31.21 -6.31
N SER A 26 -1.11 30.42 -6.59
CA SER A 26 -0.03 30.81 -7.48
C SER A 26 -0.50 31.08 -8.91
N GLN A 27 -1.74 30.67 -9.19
CA GLN A 27 -2.34 30.86 -10.49
C GLN A 27 -3.83 30.59 -10.38
N THR A 28 -4.56 30.84 -11.45
CA THR A 28 -6.00 30.62 -11.44
C THR A 28 -6.33 29.17 -11.17
N ILE A 29 -7.41 28.97 -10.41
CA ILE A 29 -7.86 27.63 -10.01
C ILE A 29 -9.29 27.27 -10.43
N VAL A 30 -9.55 27.29 -11.73
CA VAL A 30 -10.87 26.92 -12.24
C VAL A 30 -10.79 25.53 -12.87
N HIS A 31 -11.57 24.60 -12.35
CA HIS A 31 -11.58 23.23 -12.87
C HIS A 31 -12.09 23.31 -14.31
N THR A 32 -11.73 22.35 -15.15
CA THR A 32 -12.17 22.38 -16.55
C THR A 32 -13.69 22.34 -16.66
N ASN A 33 -14.37 21.99 -15.57
CA ASN A 33 -15.82 21.94 -15.60
C ASN A 33 -16.40 23.28 -15.15
N GLY A 34 -15.52 24.27 -15.02
CA GLY A 34 -15.94 25.61 -14.65
C GLY A 34 -16.07 25.93 -13.17
N ASN A 35 -16.05 24.93 -12.31
CA ASN A 35 -16.14 25.17 -10.88
C ASN A 35 -14.79 25.51 -10.25
N THR A 36 -14.84 26.23 -9.14
CA THR A 36 -13.63 26.61 -8.41
C THR A 36 -13.69 25.86 -7.08
N TYR A 37 -12.90 24.80 -7.00
CA TYR A 37 -12.85 23.97 -5.81
C TYR A 37 -11.97 24.53 -4.68
N LEU A 38 -12.32 25.70 -4.20
CA LEU A 38 -11.59 26.30 -3.11
C LEU A 38 -12.35 26.00 -1.81
N GLU A 39 -11.72 25.28 -0.91
CA GLU A 39 -12.35 24.92 0.37
C GLU A 39 -11.62 25.52 1.59
N TRP A 40 -12.40 25.77 2.63
CA TRP A 40 -11.88 26.31 3.90
C TRP A 40 -12.17 25.34 5.04
N TYR A 41 -11.15 25.06 5.83
CA TYR A 41 -11.24 24.14 6.95
C TYR A 41 -10.80 24.76 8.26
N LEU A 42 -11.45 24.37 9.34
CA LEU A 42 -11.09 24.84 10.67
C LEU A 42 -10.74 23.62 11.49
N GLN A 43 -9.57 23.65 12.11
CA GLN A 43 -9.17 22.53 12.95
C GLN A 43 -9.08 23.08 14.37
N LYS A 44 -9.93 22.56 15.24
CA LYS A 44 -9.96 22.98 16.63
C LYS A 44 -8.86 22.22 17.34
N PRO A 45 -8.25 22.83 18.37
CA PRO A 45 -7.19 22.08 19.04
C PRO A 45 -7.65 20.69 19.50
N GLY A 46 -6.87 19.68 19.18
CA GLY A 46 -7.23 18.32 19.57
C GLY A 46 -8.20 17.60 18.65
N GLN A 47 -8.75 18.30 17.67
CA GLN A 47 -9.70 17.70 16.74
C GLN A 47 -9.18 17.64 15.30
N SER A 48 -9.88 16.87 14.47
CA SER A 48 -9.51 16.77 13.05
C SER A 48 -10.13 17.98 12.37
N PRO A 49 -9.65 18.33 11.17
CA PRO A 49 -10.18 19.48 10.44
C PRO A 49 -11.65 19.30 10.04
N LYS A 50 -12.38 20.41 10.04
CA LYS A 50 -13.79 20.41 9.67
C LYS A 50 -14.10 21.41 8.57
N LEU A 51 -14.90 20.98 7.61
CA LEU A 51 -15.31 21.83 6.49
C LEU A 51 -16.14 23.02 6.92
N LEU A 52 -15.85 24.17 6.32
CA LEU A 52 -16.58 25.40 6.60
C LEU A 52 -17.26 25.87 5.31
N ILE A 53 -16.43 26.09 4.29
CA ILE A 53 -16.89 26.58 2.99
C ILE A 53 -16.31 25.71 1.87
N TYR A 54 -17.12 25.48 0.84
CA TYR A 54 -16.69 24.71 -0.33
C TYR A 54 -17.04 25.53 -1.58
N LYS A 55 -16.34 25.27 -2.67
CA LYS A 55 -16.51 26.00 -3.92
C LYS A 55 -16.55 27.51 -3.70
N VAL A 56 -15.50 28.01 -3.06
CA VAL A 56 -15.35 29.44 -2.77
C VAL A 56 -16.29 30.07 -1.74
N SER A 57 -17.59 30.12 -2.05
CA SER A 57 -18.54 30.79 -1.15
C SER A 57 -19.68 30.00 -0.51
N ASN A 58 -19.77 28.70 -0.77
CA ASN A 58 -20.84 27.86 -0.21
C ASN A 58 -20.56 27.40 1.20
N ARG A 59 -21.30 27.94 2.16
CA ARG A 59 -21.14 27.57 3.57
C ARG A 59 -21.70 26.17 3.77
N PHE A 60 -20.89 25.30 4.37
CA PHE A 60 -21.34 23.93 4.56
C PHE A 60 -22.46 23.83 5.56
N SER A 61 -23.44 23.00 5.22
CA SER A 61 -24.58 22.78 6.10
C SER A 61 -24.09 22.49 7.52
N GLY A 62 -24.67 23.19 8.50
CA GLY A 62 -24.30 23.00 9.89
C GLY A 62 -23.28 24.00 10.41
N VAL A 63 -22.66 24.74 9.49
CA VAL A 63 -21.67 25.76 9.83
C VAL A 63 -22.39 27.06 10.13
N PRO A 64 -21.99 27.76 11.21
CA PRO A 64 -22.56 29.04 11.65
C PRO A 64 -22.60 30.14 10.61
N ASP A 65 -23.69 30.91 10.65
CA ASP A 65 -23.93 32.00 9.72
C ASP A 65 -22.90 33.12 9.71
N ARG A 66 -22.00 33.11 10.70
CA ARG A 66 -20.98 34.14 10.77
C ARG A 66 -19.79 33.84 9.85
N PHE A 67 -19.72 32.62 9.33
CA PHE A 67 -18.65 32.25 8.41
C PHE A 67 -19.14 32.42 6.99
N SER A 68 -18.27 32.93 6.12
CA SER A 68 -18.62 33.11 4.72
C SER A 68 -17.33 33.11 3.90
N GLY A 69 -17.43 32.73 2.63
CA GLY A 69 -16.26 32.69 1.76
C GLY A 69 -16.46 33.49 0.50
N SER A 70 -15.38 34.04 -0.04
CA SER A 70 -15.46 34.83 -1.26
C SER A 70 -14.10 34.90 -1.94
N GLY A 71 -14.06 35.55 -3.09
CA GLY A 71 -12.81 35.68 -3.81
C GLY A 71 -12.95 35.39 -5.27
N SER A 72 -11.85 35.54 -5.99
CA SER A 72 -11.83 35.30 -7.43
C SER A 72 -10.39 35.39 -7.95
N GLY A 73 -10.15 34.81 -9.12
CA GLY A 73 -8.83 34.82 -9.72
C GLY A 73 -7.79 34.03 -8.96
N THR A 74 -7.05 34.70 -8.09
CA THR A 74 -6.02 34.09 -7.29
C THR A 74 -6.20 34.57 -5.86
N ASP A 75 -7.24 35.37 -5.63
CA ASP A 75 -7.51 35.94 -4.31
C ASP A 75 -8.79 35.41 -3.65
N PHE A 76 -8.63 34.78 -2.51
CA PHE A 76 -9.76 34.20 -1.79
C PHE A 76 -9.78 34.62 -0.32
N THR A 77 -10.99 34.80 0.21
CA THR A 77 -11.14 35.25 1.60
C THR A 77 -12.20 34.56 2.46
N LEU A 78 -11.79 34.27 3.70
CA LEU A 78 -12.69 33.67 4.67
C LEU A 78 -13.01 34.78 5.65
N LYS A 79 -14.30 34.95 5.94
CA LYS A 79 -14.77 35.99 6.82
C LYS A 79 -15.54 35.40 8.00
N ILE A 80 -15.38 36.02 9.16
CA ILE A 80 -16.10 35.63 10.37
C ILE A 80 -16.64 36.97 10.85
N SER A 81 -17.96 37.13 10.76
CA SER A 81 -18.59 38.40 11.11
C SER A 81 -18.45 38.86 12.58
N ARG A 82 -18.49 37.91 13.51
CA ARG A 82 -18.40 38.25 14.92
C ARG A 82 -17.75 37.09 15.67
N VAL A 83 -16.42 37.10 15.66
CA VAL A 83 -15.63 36.04 16.28
C VAL A 83 -16.06 35.69 17.71
N GLU A 84 -16.11 34.37 17.94
CA GLU A 84 -16.46 33.82 19.24
C GLU A 84 -15.25 33.00 19.72
N THR A 85 -15.26 32.67 21.00
CA THR A 85 -14.20 31.91 21.60
C THR A 85 -14.04 30.54 20.91
N GLU A 86 -15.15 29.98 20.45
CA GLU A 86 -15.15 28.68 19.80
C GLU A 86 -14.51 28.67 18.43
N ASP A 87 -14.43 29.85 17.81
CA ASP A 87 -13.86 29.98 16.48
C ASP A 87 -12.34 29.93 16.48
N LEU A 88 -11.75 30.00 17.67
CA LEU A 88 -10.29 29.95 17.78
C LEU A 88 -9.71 28.60 17.37
N GLY A 89 -8.65 28.68 16.57
CA GLY A 89 -7.98 27.49 16.09
C GLY A 89 -7.24 27.87 14.81
N ILE A 90 -6.97 26.91 13.95
CA ILE A 90 -6.29 27.23 12.71
C ILE A 90 -7.14 26.93 11.48
N TYR A 91 -7.25 27.95 10.63
CA TYR A 91 -8.03 27.86 9.41
C TYR A 91 -7.11 27.51 8.24
N TYR A 92 -7.58 26.61 7.38
CA TYR A 92 -6.81 26.17 6.23
C TYR A 92 -7.60 26.36 4.93
N CYS A 93 -6.92 26.77 3.88
CA CYS A 93 -7.60 26.87 2.60
C CYS A 93 -7.02 25.74 1.77
N PHE A 94 -7.76 25.36 0.73
CA PHE A 94 -7.37 24.24 -0.11
C PHE A 94 -7.85 24.44 -1.53
N GLN A 95 -7.02 24.05 -2.49
CA GLN A 95 -7.38 24.15 -3.90
C GLN A 95 -7.37 22.73 -4.44
N GLY A 96 -8.49 22.35 -5.05
CA GLY A 96 -8.63 21.02 -5.61
C GLY A 96 -9.14 21.10 -7.03
N SER A 97 -8.92 22.25 -7.67
CA SER A 97 -9.34 22.47 -9.05
C SER A 97 -8.32 21.87 -10.01
N HIS A 98 -7.05 21.81 -9.58
CA HIS A 98 -5.98 21.24 -10.40
C HIS A 98 -5.12 20.28 -9.57
N PHE A 99 -4.62 19.22 -10.21
CA PHE A 99 -3.75 18.28 -9.49
C PHE A 99 -2.31 18.77 -9.66
N PRO A 100 -1.48 18.63 -8.61
CA PRO A 100 -1.86 18.04 -7.33
C PRO A 100 -2.70 19.01 -6.49
N LEU A 101 -3.57 18.43 -5.66
CA LEU A 101 -4.43 19.21 -4.79
C LEU A 101 -3.49 19.84 -3.75
N ALA A 102 -3.76 21.08 -3.37
CA ALA A 102 -2.88 21.75 -2.42
C ALA A 102 -3.55 22.53 -1.29
N PHE A 103 -2.94 22.44 -0.12
CA PHE A 103 -3.41 23.13 1.07
C PHE A 103 -2.59 24.40 1.35
N GLY A 104 -3.16 25.34 2.08
CA GLY A 104 -2.44 26.54 2.45
C GLY A 104 -1.78 26.15 3.77
N ALA A 105 -0.82 26.95 4.25
CA ALA A 105 -0.11 26.65 5.48
C ALA A 105 -0.96 26.85 6.75
N GLY A 106 -2.06 27.59 6.59
CA GLY A 106 -2.94 27.83 7.72
C GLY A 106 -2.76 29.18 8.39
N THR A 107 -3.82 29.63 9.03
CA THR A 107 -3.81 30.88 9.75
C THR A 107 -4.36 30.54 11.14
N LYS A 108 -3.59 30.86 12.17
CA LYS A 108 -3.98 30.59 13.54
C LYS A 108 -4.76 31.75 14.10
N LEU A 109 -6.01 31.49 14.51
CA LEU A 109 -6.83 32.53 15.10
C LEU A 109 -6.48 32.53 16.59
N GLU A 110 -5.85 33.61 17.05
CA GLU A 110 -5.46 33.70 18.46
C GLU A 110 -6.04 34.92 19.15
N LEU A 111 -5.95 34.94 20.48
CA LEU A 111 -6.50 36.02 21.29
C LEU A 111 -5.56 37.17 21.57
N LYS A 112 -6.10 38.37 21.44
CA LYS A 112 -5.37 39.60 21.71
C LYS A 112 -5.39 39.86 23.21
N ARG A 113 -4.39 40.59 23.69
CA ARG A 113 -4.27 40.97 25.09
C ARG A 113 -3.14 41.98 25.23
N ALA A 114 -2.97 42.52 26.43
CA ALA A 114 -1.92 43.50 26.67
C ALA A 114 -0.54 42.89 26.55
N ASP A 115 0.39 43.65 25.97
CA ASP A 115 1.77 43.21 25.85
C ASP A 115 2.23 42.73 27.22
N ALA A 116 3.15 41.78 27.22
CA ALA A 116 3.68 41.21 28.46
C ALA A 116 5.16 40.87 28.30
N ALA A 117 5.99 41.43 29.16
CA ALA A 117 7.41 41.14 29.09
C ALA A 117 7.60 39.74 29.65
N PRO A 118 8.52 38.97 29.05
CA PRO A 118 8.76 37.60 29.52
C PRO A 118 9.57 37.54 30.80
N THR A 119 9.29 36.53 31.62
CA THR A 119 10.05 36.32 32.85
C THR A 119 11.09 35.30 32.40
N VAL A 120 12.36 35.67 32.50
CA VAL A 120 13.47 34.83 32.06
C VAL A 120 14.19 34.12 33.20
N SER A 121 14.30 32.79 33.08
CA SER A 121 14.96 31.98 34.10
C SER A 121 16.01 31.07 33.50
N ILE A 122 17.21 31.10 34.05
CA ILE A 122 18.30 30.29 33.57
C ILE A 122 18.67 29.21 34.60
N PHE A 123 18.90 28.00 34.10
CA PHE A 123 19.23 26.87 34.97
C PHE A 123 20.46 26.12 34.50
N PRO A 124 21.53 26.14 35.32
CA PRO A 124 22.78 25.44 35.01
C PRO A 124 22.57 23.93 35.08
N PRO A 125 23.50 23.14 34.51
CA PRO A 125 23.38 21.68 34.52
C PRO A 125 23.07 21.14 35.92
N SER A 126 22.36 20.03 35.99
CA SER A 126 22.07 19.45 37.30
C SER A 126 23.29 18.61 37.68
N SER A 127 23.50 18.41 38.97
CA SER A 127 24.64 17.63 39.41
C SER A 127 24.48 16.18 38.97
N GLU A 128 23.23 15.76 38.81
CA GLU A 128 22.94 14.40 38.39
C GLU A 128 23.37 14.18 36.95
N GLN A 129 23.03 15.15 36.09
CA GLN A 129 23.40 15.06 34.70
C GLN A 129 24.91 15.14 34.59
N LEU A 130 25.50 16.12 35.30
CA LEU A 130 26.94 16.28 35.28
C LEU A 130 27.58 14.93 35.58
N THR A 131 27.08 14.27 36.63
CA THR A 131 27.60 12.96 37.04
C THR A 131 27.64 11.98 35.88
N SER A 132 26.54 11.90 35.12
CA SER A 132 26.47 10.99 33.99
C SER A 132 27.31 11.50 32.81
N GLY A 133 27.86 12.71 32.97
CA GLY A 133 28.69 13.28 31.91
C GLY A 133 28.00 14.26 30.99
N GLY A 134 26.79 14.71 31.36
CA GLY A 134 26.09 15.65 30.50
C GLY A 134 26.05 17.05 31.06
N ALA A 135 25.63 18.00 30.23
CA ALA A 135 25.54 19.38 30.67
C ALA A 135 24.47 20.15 29.88
N SER A 136 23.24 20.15 30.38
CA SER A 136 22.17 20.87 29.71
C SER A 136 21.94 22.19 30.47
N VAL A 137 21.98 23.31 29.75
CA VAL A 137 21.73 24.62 30.34
C VAL A 137 20.38 25.02 29.75
N VAL A 138 19.39 25.16 30.61
CA VAL A 138 18.04 25.51 30.18
C VAL A 138 17.70 26.95 30.54
N CYS A 139 16.80 27.53 29.75
CA CYS A 139 16.35 28.90 29.98
C CYS A 139 14.88 28.96 29.63
N PHE A 140 14.10 29.62 30.47
CA PHE A 140 12.67 29.78 30.24
C PHE A 140 12.33 31.28 30.12
N LEU A 141 11.62 31.63 29.06
CA LEU A 141 11.18 33.00 28.79
C LEU A 141 9.67 32.80 28.84
N ASN A 142 9.09 33.04 30.02
CA ASN A 142 7.67 32.81 30.27
C ASN A 142 6.66 33.94 30.32
N ASN A 143 5.43 33.59 29.97
CA ASN A 143 4.28 34.49 29.95
C ASN A 143 4.52 35.85 29.28
N PHE A 144 4.85 35.81 27.99
CA PHE A 144 5.05 37.03 27.26
C PHE A 144 4.00 37.20 26.17
N TYR A 145 3.88 38.43 25.70
CA TYR A 145 2.93 38.77 24.66
C TYR A 145 3.41 40.08 24.07
N PRO A 146 3.41 40.19 22.73
CA PRO A 146 2.99 39.18 21.75
C PRO A 146 3.87 37.91 21.74
N LYS A 147 3.49 36.93 20.92
CA LYS A 147 4.22 35.64 20.83
C LYS A 147 5.62 35.70 20.20
N ASP A 148 5.88 36.76 19.44
CA ASP A 148 7.17 36.94 18.77
C ASP A 148 8.30 37.16 19.78
N ILE A 149 9.37 36.38 19.68
CA ILE A 149 10.48 36.56 20.59
C ILE A 149 11.78 35.91 20.12
N ASN A 150 12.90 36.52 20.50
CA ASN A 150 14.23 36.05 20.15
C ASN A 150 15.03 35.71 21.41
N VAL A 151 15.77 34.61 21.35
CA VAL A 151 16.59 34.19 22.48
C VAL A 151 18.02 34.04 21.95
N LYS A 152 18.97 34.61 22.70
CA LYS A 152 20.38 34.54 22.32
C LYS A 152 21.22 33.99 23.47
N TRP A 153 22.10 33.06 23.16
CA TRP A 153 22.98 32.50 24.17
C TRP A 153 24.38 33.05 24.04
N LYS A 154 25.04 33.22 25.19
CA LYS A 154 26.40 33.71 25.23
C LYS A 154 27.19 32.92 26.27
N ILE A 155 28.32 32.38 25.86
CA ILE A 155 29.17 31.59 26.73
C ILE A 155 30.54 32.28 26.83
N ASP A 156 30.80 32.84 28.01
CA ASP A 156 32.02 33.58 28.28
C ASP A 156 32.03 34.82 27.39
N GLY A 157 30.85 35.41 27.21
CA GLY A 157 30.72 36.63 26.41
C GLY A 157 30.43 36.46 24.94
N SER A 158 30.73 35.28 24.40
CA SER A 158 30.54 35.01 22.99
C SER A 158 29.24 34.26 22.69
N GLU A 159 28.53 34.72 21.67
CA GLU A 159 27.26 34.11 21.27
C GLU A 159 27.41 32.64 20.88
N ARG A 160 26.42 31.84 21.24
CA ARG A 160 26.41 30.42 20.93
C ARG A 160 25.16 30.05 20.14
N GLN A 161 25.22 30.19 18.81
CA GLN A 161 24.09 29.90 17.92
C GLN A 161 23.91 28.41 17.70
N ASN A 162 25.00 27.66 17.88
CA ASN A 162 24.98 26.23 17.69
C ASN A 162 24.66 25.41 18.95
N GLY A 163 23.91 24.32 18.76
CA GLY A 163 23.54 23.42 19.84
C GLY A 163 22.37 23.85 20.72
N VAL A 164 21.44 24.62 20.15
CA VAL A 164 20.28 25.12 20.89
C VAL A 164 18.93 24.55 20.41
N LEU A 165 18.14 24.06 21.36
CA LEU A 165 16.82 23.50 21.08
C LEU A 165 15.75 24.33 21.77
N ASN A 166 14.82 24.85 20.98
CA ASN A 166 13.73 25.67 21.51
C ASN A 166 12.38 25.03 21.31
N SER A 167 11.49 25.29 22.26
CA SER A 167 10.13 24.79 22.19
C SER A 167 9.20 25.93 22.62
N TRP A 168 8.01 25.96 22.05
CA TRP A 168 7.05 26.99 22.36
C TRP A 168 5.75 26.37 22.79
N THR A 169 5.11 27.00 23.77
CA THR A 169 3.83 26.55 24.25
C THR A 169 2.79 27.25 23.36
N ASP A 170 1.55 26.76 23.39
CA ASP A 170 0.51 27.43 22.63
C ASP A 170 0.09 28.56 23.55
N GLN A 171 -0.77 29.44 23.07
CA GLN A 171 -1.25 30.54 23.88
C GLN A 171 -1.87 29.98 25.14
N ASP A 172 -1.52 30.54 26.30
CA ASP A 172 -2.07 30.07 27.56
C ASP A 172 -3.58 30.31 27.61
N SER A 173 -4.34 29.26 27.92
CA SER A 173 -5.78 29.34 27.98
C SER A 173 -6.29 30.19 29.13
N LYS A 174 -5.39 30.55 30.05
CA LYS A 174 -5.79 31.34 31.20
C LYS A 174 -5.41 32.84 31.08
N ASP A 175 -4.15 33.14 30.83
CA ASP A 175 -3.73 34.53 30.69
C ASP A 175 -3.40 34.96 29.26
N SER A 176 -3.64 34.04 28.31
CA SER A 176 -3.44 34.32 26.89
C SER A 176 -2.03 34.72 26.48
N THR A 177 -1.04 34.41 27.32
CA THR A 177 0.34 34.75 26.98
C THR A 177 1.03 33.57 26.34
N TYR A 178 2.32 33.72 26.08
CA TYR A 178 3.11 32.66 25.47
C TYR A 178 4.38 32.43 26.26
N SER A 179 4.90 31.20 26.21
CA SER A 179 6.13 30.83 26.90
C SER A 179 7.01 30.04 25.95
N MET A 180 8.31 30.03 26.22
CA MET A 180 9.24 29.28 25.38
C MET A 180 10.44 28.80 26.21
N SER A 181 10.91 27.60 25.90
CA SER A 181 12.07 27.07 26.60
C SER A 181 13.20 26.97 25.62
N SER A 182 14.42 27.17 26.10
CA SER A 182 15.59 27.10 25.24
C SER A 182 16.66 26.32 25.98
N THR A 183 17.06 25.20 25.40
CA THR A 183 18.06 24.39 26.04
C THR A 183 19.35 24.27 25.25
N LEU A 184 20.43 24.72 25.88
CA LEU A 184 21.75 24.64 25.29
C LEU A 184 22.30 23.33 25.83
N THR A 185 22.54 22.37 24.95
CA THR A 185 23.07 21.11 25.41
C THR A 185 24.57 21.03 25.05
N LEU A 186 25.37 20.78 26.08
CA LEU A 186 26.82 20.67 25.92
C LEU A 186 27.27 19.36 26.52
N THR A 187 28.56 19.26 26.80
CA THR A 187 29.11 18.05 27.40
C THR A 187 29.67 18.46 28.75
N LYS A 188 29.87 17.50 29.64
CA LYS A 188 30.43 17.81 30.95
C LYS A 188 31.74 18.58 30.78
N ASP A 189 32.62 18.06 29.94
CA ASP A 189 33.90 18.73 29.69
C ASP A 189 33.74 20.10 29.04
N GLU A 190 32.91 20.19 27.99
CA GLU A 190 32.68 21.44 27.27
C GLU A 190 32.18 22.50 28.25
N TYR A 191 31.17 22.12 29.02
CA TYR A 191 30.57 23.00 30.02
C TYR A 191 31.65 23.49 31.00
N GLU A 192 32.48 22.56 31.47
CA GLU A 192 33.55 22.93 32.39
C GLU A 192 34.66 23.75 31.75
N ARG A 193 34.60 23.93 30.44
CA ARG A 193 35.61 24.73 29.73
C ARG A 193 35.27 26.22 29.71
N HIS A 194 34.14 26.59 30.30
CA HIS A 194 33.68 27.98 30.34
C HIS A 194 33.08 28.28 31.71
N ASN A 195 32.99 29.56 32.08
CA ASN A 195 32.40 29.91 33.37
C ASN A 195 31.07 30.67 33.25
N SER A 196 30.98 31.62 32.33
CA SER A 196 29.75 32.42 32.14
C SER A 196 28.81 31.92 31.06
N TYR A 197 27.56 31.74 31.47
CA TYR A 197 26.46 31.27 30.64
C TYR A 197 25.33 32.28 30.77
N THR A 198 24.96 32.89 29.63
CA THR A 198 23.94 33.92 29.59
C THR A 198 22.79 33.65 28.60
N CYS A 199 21.59 33.97 29.04
CA CYS A 199 20.40 33.80 28.23
C CYS A 199 19.77 35.17 28.06
N GLU A 200 19.64 35.60 26.80
CA GLU A 200 19.07 36.92 26.50
C GLU A 200 17.80 36.85 25.68
N ALA A 201 16.76 37.51 26.17
CA ALA A 201 15.50 37.53 25.48
C ALA A 201 15.21 38.88 24.84
N THR A 202 14.87 38.88 23.55
CA THR A 202 14.53 40.12 22.86
C THR A 202 13.04 40.10 22.52
N HIS A 203 12.28 40.91 23.25
CA HIS A 203 10.86 41.00 23.03
C HIS A 203 10.55 42.46 22.67
N LYS A 204 9.47 42.67 21.92
CA LYS A 204 9.08 44.02 21.52
C LYS A 204 8.88 44.93 22.74
N THR A 205 9.05 44.35 23.93
CA THR A 205 8.89 45.09 25.16
C THR A 205 10.24 45.54 25.72
N SER A 206 11.31 44.95 25.21
CA SER A 206 12.64 45.28 25.72
C SER A 206 13.68 45.88 24.79
N THR A 207 13.73 45.44 23.54
CA THR A 207 14.74 45.94 22.60
C THR A 207 16.12 45.64 23.22
N SER A 208 16.37 46.25 24.37
CA SER A 208 17.60 46.00 25.13
C SER A 208 17.20 44.70 25.86
N PRO A 209 17.67 43.56 25.35
CA PRO A 209 17.41 42.21 25.87
C PRO A 209 17.39 42.01 27.39
N ILE A 210 16.49 41.13 27.83
CA ILE A 210 16.41 40.78 29.23
C ILE A 210 17.54 39.76 29.33
N VAL A 211 18.46 40.01 30.26
CA VAL A 211 19.64 39.14 30.42
C VAL A 211 19.69 38.41 31.74
N LYS A 212 19.91 37.11 31.64
CA LYS A 212 20.01 36.24 32.80
C LYS A 212 21.18 35.31 32.60
N SER A 213 21.94 35.11 33.65
CA SER A 213 23.09 34.21 33.54
C SER A 213 23.64 33.75 34.87
N PHE A 214 24.65 32.89 34.79
CA PHE A 214 25.29 32.40 35.97
C PHE A 214 26.74 32.14 35.66
N ASN A 215 27.50 31.79 36.70
CA ASN A 215 28.92 31.48 36.55
C ASN A 215 29.07 30.07 37.12
N ARG A 216 29.78 29.21 36.38
CA ARG A 216 29.98 27.83 36.79
C ARG A 216 30.53 27.65 38.21
N ASN A 217 31.28 28.63 38.70
CA ASN A 217 31.83 28.55 40.05
C ASN A 217 31.08 29.48 41.03
N GLU A 218 30.71 30.68 40.57
CA GLU A 218 30.04 31.66 41.42
C GLU A 218 28.57 31.93 41.05
N CYS A 219 27.64 31.44 41.88
CA CYS A 219 26.20 31.62 41.64
C CYS A 219 25.81 31.35 40.19
N GLU B 1 -25.65 7.17 10.48
CA GLU B 1 -24.58 8.12 10.88
C GLU B 1 -23.25 7.82 10.19
N VAL B 2 -22.77 8.76 9.39
CA VAL B 2 -21.50 8.58 8.69
C VAL B 2 -20.38 8.45 9.72
N LYS B 3 -19.51 7.47 9.49
CA LYS B 3 -18.41 7.23 10.39
C LYS B 3 -17.20 6.74 9.59
N LEU B 4 -16.01 7.16 10.00
CA LEU B 4 -14.74 6.81 9.38
C LEU B 4 -13.73 6.57 10.49
N VAL B 5 -13.17 5.36 10.55
CA VAL B 5 -12.22 5.04 11.62
C VAL B 5 -10.91 4.47 11.07
N GLU B 6 -9.83 5.23 11.26
CA GLU B 6 -8.51 4.84 10.77
C GLU B 6 -7.74 3.94 11.74
N SER B 7 -7.12 2.89 11.20
CA SER B 7 -6.32 1.98 12.01
C SER B 7 -5.04 1.60 11.27
N GLY B 8 -4.13 0.94 11.97
CA GLY B 8 -2.89 0.50 11.33
C GLY B 8 -1.68 1.37 11.57
N GLY B 9 -1.91 2.63 11.95
CA GLY B 9 -0.80 3.52 12.21
C GLY B 9 0.08 2.99 13.31
N GLY B 10 1.35 3.34 13.26
CA GLY B 10 2.26 2.86 14.29
C GLY B 10 3.70 3.20 13.96
N LEU B 11 4.61 2.60 14.73
CA LEU B 11 6.04 2.81 14.56
C LEU B 11 6.56 1.95 13.41
N VAL B 12 7.36 2.57 12.55
CA VAL B 12 7.93 1.89 11.41
C VAL B 12 9.31 2.48 11.07
N LYS B 13 10.26 1.57 10.89
CA LYS B 13 11.63 1.94 10.53
C LYS B 13 11.63 2.52 9.12
N PRO B 14 12.59 3.40 8.81
CA PRO B 14 12.67 4.01 7.48
C PRO B 14 12.77 2.95 6.38
N GLY B 15 12.24 3.25 5.20
CA GLY B 15 12.27 2.30 4.09
C GLY B 15 11.32 1.13 4.29
N GLY B 16 10.69 1.11 5.47
CA GLY B 16 9.75 0.06 5.81
C GLY B 16 8.38 0.23 5.18
N SER B 17 7.51 -0.74 5.45
CA SER B 17 6.16 -0.74 4.93
C SER B 17 5.11 -0.79 6.02
N LEU B 18 3.92 -0.31 5.69
CA LEU B 18 2.81 -0.29 6.62
C LEU B 18 1.52 -0.23 5.82
N LYS B 19 0.49 -0.92 6.32
CA LYS B 19 -0.80 -0.88 5.66
C LYS B 19 -1.75 -0.20 6.64
N LEU B 20 -2.45 0.82 6.16
CA LEU B 20 -3.40 1.53 7.02
C LEU B 20 -4.79 1.17 6.51
N SER B 21 -5.73 1.09 7.45
CA SER B 21 -7.11 0.76 7.08
C SER B 21 -8.05 1.85 7.53
N CYS B 22 -9.22 1.87 6.90
CA CYS B 22 -10.22 2.85 7.22
C CYS B 22 -11.60 2.25 6.99
N ALA B 23 -12.24 1.86 8.08
CA ALA B 23 -13.58 1.28 8.08
C ALA B 23 -14.61 2.40 8.06
N ALA B 24 -15.47 2.39 7.05
CA ALA B 24 -16.51 3.41 6.88
C ALA B 24 -17.90 2.90 7.25
N SER B 25 -18.80 3.84 7.55
CA SER B 25 -20.17 3.51 7.93
C SER B 25 -21.13 4.65 7.54
N GLY B 26 -22.40 4.31 7.30
CA GLY B 26 -23.37 5.33 6.96
C GLY B 26 -23.46 5.65 5.48
N PHE B 27 -22.53 5.13 4.68
CA PHE B 27 -22.52 5.36 3.24
C PHE B 27 -21.80 4.23 2.47
N SER B 28 -21.86 4.31 1.14
CA SER B 28 -21.24 3.34 0.25
C SER B 28 -20.11 3.99 -0.54
N PHE B 29 -19.00 3.26 -0.67
CA PHE B 29 -17.83 3.72 -1.42
C PHE B 29 -18.11 3.90 -2.91
N ARG B 30 -19.17 3.25 -3.39
CA ARG B 30 -19.54 3.35 -4.79
C ARG B 30 -20.26 4.68 -5.03
N ASN B 31 -20.63 5.36 -3.96
CA ASN B 31 -21.32 6.63 -4.10
C ASN B 31 -20.53 7.87 -3.71
N TYR B 32 -19.36 7.66 -3.13
CA TYR B 32 -18.53 8.78 -2.72
C TYR B 32 -17.05 8.58 -3.00
N GLY B 33 -16.34 9.69 -3.19
CA GLY B 33 -14.91 9.64 -3.42
C GLY B 33 -14.22 9.61 -2.06
N MET B 34 -13.12 8.87 -1.95
CA MET B 34 -12.39 8.75 -0.69
C MET B 34 -10.96 9.25 -0.85
N SER B 35 -10.41 9.82 0.21
CA SER B 35 -9.05 10.33 0.14
C SER B 35 -8.31 10.11 1.45
N TRP B 36 -6.99 10.23 1.38
CA TRP B 36 -6.13 10.13 2.55
C TRP B 36 -5.42 11.47 2.58
N VAL B 37 -5.42 12.09 3.77
CA VAL B 37 -4.76 13.38 3.97
C VAL B 37 -4.03 13.28 5.30
N ARG B 38 -2.80 13.79 5.32
CA ARG B 38 -2.01 13.72 6.53
C ARG B 38 -1.60 15.08 7.10
N GLN B 39 -1.47 15.12 8.42
CA GLN B 39 -1.02 16.33 9.08
C GLN B 39 0.32 16.01 9.72
N THR B 40 1.34 16.75 9.30
CA THR B 40 2.68 16.54 9.79
C THR B 40 2.88 17.13 11.20
N PRO B 41 4.00 16.78 11.86
CA PRO B 41 4.26 17.29 13.21
C PRO B 41 4.18 18.81 13.25
N GLU B 42 4.55 19.44 12.13
CA GLU B 42 4.53 20.89 12.01
C GLU B 42 3.12 21.40 11.75
N LYS B 43 2.14 20.50 11.72
CA LYS B 43 0.72 20.81 11.49
C LYS B 43 0.42 21.18 10.04
N ARG B 44 1.26 20.74 9.13
CA ARG B 44 1.06 21.00 7.72
C ARG B 44 0.18 19.91 7.13
N LEU B 45 -0.89 20.29 6.44
CA LEU B 45 -1.79 19.32 5.81
C LEU B 45 -1.30 18.96 4.42
N GLU B 46 -1.27 17.66 4.14
CA GLU B 46 -0.79 17.16 2.86
C GLU B 46 -1.68 16.08 2.27
N TRP B 47 -2.09 16.27 1.02
CA TRP B 47 -2.91 15.29 0.31
C TRP B 47 -2.03 14.09 -0.04
N VAL B 48 -2.49 12.89 0.33
CA VAL B 48 -1.72 11.68 0.06
C VAL B 48 -2.21 10.94 -1.19
N ALA B 49 -3.51 10.67 -1.25
CA ALA B 49 -4.08 9.96 -2.39
C ALA B 49 -5.59 9.88 -2.32
N SER B 50 -6.22 9.68 -3.47
CA SER B 50 -7.67 9.55 -3.50
C SER B 50 -8.21 8.61 -4.57
N ILE B 51 -9.40 8.08 -4.31
CA ILE B 51 -10.03 7.15 -5.25
C ILE B 51 -11.50 7.55 -5.40
N SER B 52 -11.92 7.78 -6.65
CA SER B 52 -13.30 8.19 -6.94
C SER B 52 -14.27 7.01 -6.79
N TYR B 53 -15.55 7.34 -6.64
CA TYR B 53 -16.62 6.37 -6.49
C TYR B 53 -16.59 5.37 -7.65
N GLY B 54 -15.96 5.79 -8.75
CA GLY B 54 -15.85 4.94 -9.93
C GLY B 54 -14.54 4.19 -9.96
N GLY B 55 -13.68 4.41 -8.96
CA GLY B 55 -12.43 3.69 -8.93
C GLY B 55 -11.22 4.44 -9.43
N LEU B 56 -11.41 5.60 -10.05
CA LEU B 56 -10.26 6.38 -10.56
C LEU B 56 -9.34 6.79 -9.40
N ILE B 57 -8.04 6.63 -9.59
CA ILE B 57 -7.04 6.92 -8.55
C ILE B 57 -6.07 8.04 -8.87
N TYR B 58 -5.80 8.90 -7.88
CA TYR B 58 -4.87 10.03 -8.05
C TYR B 58 -3.91 10.15 -6.88
N TYR B 59 -2.65 10.48 -7.20
CA TYR B 59 -1.60 10.65 -6.21
C TYR B 59 -0.73 11.83 -6.62
N PRO B 60 -0.14 12.53 -5.63
CA PRO B 60 0.74 13.65 -6.00
C PRO B 60 2.06 12.93 -6.34
N ASP B 61 2.93 13.52 -7.13
CA ASP B 61 4.20 12.86 -7.49
C ASP B 61 5.07 12.41 -6.31
N SER B 62 4.93 13.06 -5.17
CA SER B 62 5.73 12.72 -4.00
C SER B 62 5.31 11.39 -3.37
N ILE B 63 4.02 11.07 -3.48
CA ILE B 63 3.48 9.84 -2.93
C ILE B 63 3.40 8.77 -4.03
N LYS B 64 3.26 9.22 -5.28
CA LYS B 64 3.18 8.30 -6.42
C LYS B 64 4.33 7.29 -6.37
N GLY B 65 3.99 6.01 -6.54
CA GLY B 65 5.02 4.99 -6.53
C GLY B 65 5.28 4.37 -5.17
N ARG B 66 5.29 5.20 -4.13
CA ARG B 66 5.51 4.73 -2.79
C ARG B 66 4.26 4.27 -2.06
N PHE B 67 3.17 5.03 -2.19
CA PHE B 67 1.92 4.67 -1.56
C PHE B 67 0.91 4.18 -2.58
N THR B 68 0.00 3.33 -2.13
CA THR B 68 -1.04 2.76 -2.97
C THR B 68 -2.37 2.76 -2.24
N ILE B 69 -3.39 3.38 -2.82
CA ILE B 69 -4.72 3.39 -2.20
C ILE B 69 -5.60 2.38 -2.92
N SER B 70 -6.45 1.73 -2.15
CA SER B 70 -7.37 0.76 -2.71
C SER B 70 -8.56 0.76 -1.77
N ARG B 71 -9.58 -0.01 -2.12
CA ARG B 71 -10.78 -0.06 -1.30
C ARG B 71 -11.51 -1.41 -1.44
N ASP B 72 -12.21 -1.78 -0.37
CA ASP B 72 -13.02 -2.98 -0.35
C ASP B 72 -14.43 -2.41 -0.29
N ILE B 73 -15.09 -2.35 -1.43
CA ILE B 73 -16.43 -1.80 -1.50
C ILE B 73 -17.42 -2.65 -0.68
N ALA B 74 -17.33 -3.97 -0.81
CA ALA B 74 -18.22 -4.87 -0.08
C ALA B 74 -18.12 -4.70 1.44
N GLN B 75 -16.89 -4.69 1.95
CA GLN B 75 -16.68 -4.51 3.38
C GLN B 75 -16.53 -3.06 3.77
N ASN B 76 -16.68 -2.17 2.80
CA ASN B 76 -16.54 -0.72 2.98
C ASN B 76 -15.30 -0.32 3.79
N ILE B 77 -14.13 -0.75 3.32
CA ILE B 77 -12.87 -0.43 3.99
C ILE B 77 -11.85 0.18 3.02
N LEU B 78 -11.38 1.37 3.34
CA LEU B 78 -10.42 2.06 2.49
C LEU B 78 -9.02 1.69 2.97
N TYR B 79 -8.08 1.47 2.05
CA TYR B 79 -6.71 1.10 2.43
C TYR B 79 -5.65 2.07 1.89
N LEU B 80 -4.48 2.03 2.53
CA LEU B 80 -3.33 2.83 2.12
C LEU B 80 -2.04 2.04 2.41
N GLN B 81 -1.48 1.46 1.35
CA GLN B 81 -0.26 0.69 1.44
C GLN B 81 0.88 1.71 1.37
N MET B 82 1.71 1.72 2.40
CA MET B 82 2.84 2.64 2.46
C MET B 82 4.13 1.86 2.43
N SER B 83 5.05 2.27 1.56
CA SER B 83 6.33 1.62 1.43
C SER B 83 7.38 2.69 1.17
N SER B 84 8.66 2.32 1.22
CA SER B 84 9.74 3.28 1.00
C SER B 84 9.55 4.47 1.96
N LEU B 85 9.09 4.16 3.17
CA LEU B 85 8.79 5.16 4.19
C LEU B 85 9.97 6.00 4.63
N ARG B 86 9.69 7.26 4.94
CA ARG B 86 10.69 8.22 5.37
C ARG B 86 10.15 9.06 6.55
N SER B 87 11.07 9.67 7.29
CA SER B 87 10.72 10.49 8.44
C SER B 87 9.71 11.60 8.14
N GLU B 88 9.70 12.08 6.89
CA GLU B 88 8.75 13.12 6.47
C GLU B 88 7.35 12.53 6.35
N ASP B 89 7.29 11.20 6.25
CA ASP B 89 6.05 10.47 6.14
C ASP B 89 5.38 10.37 7.51
N THR B 90 6.10 10.81 8.53
CA THR B 90 5.60 10.80 9.91
C THR B 90 4.48 11.84 10.00
N ALA B 91 3.27 11.37 10.26
CA ALA B 91 2.12 12.24 10.37
C ALA B 91 0.92 11.44 10.83
N MET B 92 -0.19 12.16 11.02
CA MET B 92 -1.46 11.58 11.41
C MET B 92 -2.16 11.40 10.06
N TYR B 93 -2.64 10.20 9.79
CA TYR B 93 -3.32 9.92 8.54
C TYR B 93 -4.83 9.87 8.72
N HIS B 94 -5.55 10.61 7.88
CA HIS B 94 -6.99 10.66 7.95
C HIS B 94 -7.61 10.20 6.62
N CYS B 95 -8.66 9.39 6.69
CA CYS B 95 -9.35 9.02 5.47
C CYS B 95 -10.52 9.99 5.46
N ILE B 96 -10.88 10.45 4.27
CA ILE B 96 -11.90 11.45 4.16
C ILE B 96 -12.85 11.08 3.04
N ARG B 97 -14.13 11.35 3.27
CA ARG B 97 -15.17 11.10 2.28
C ARG B 97 -15.58 12.47 1.72
N GLY B 98 -15.66 12.60 0.41
CA GLY B 98 -16.06 13.86 -0.17
C GLY B 98 -17.20 13.63 -1.11
N ASP B 99 -17.82 14.72 -1.56
CA ASP B 99 -18.94 14.64 -2.49
C ASP B 99 -18.48 14.95 -3.92
N SER B 100 -18.70 13.96 -4.79
CA SER B 100 -18.30 14.02 -6.19
C SER B 100 -18.48 15.36 -6.88
N PHE B 101 -17.35 15.88 -7.35
CA PHE B 101 -17.26 17.16 -8.03
C PHE B 101 -18.05 18.22 -7.27
N LEU B 102 -17.92 18.23 -5.94
CA LEU B 102 -18.63 19.18 -5.09
C LEU B 102 -17.71 19.66 -3.94
N VAL B 103 -17.25 18.72 -3.12
CA VAL B 103 -16.34 19.00 -1.98
C VAL B 103 -15.34 17.83 -1.88
N TRP B 104 -14.05 18.15 -1.84
CA TRP B 104 -13.04 17.08 -1.74
C TRP B 104 -13.03 16.38 -0.40
N PHE B 105 -12.94 17.16 0.68
CA PHE B 105 -12.84 16.61 2.02
C PHE B 105 -13.98 16.98 2.98
N THR B 106 -15.19 16.60 2.61
CA THR B 106 -16.38 16.90 3.39
C THR B 106 -16.38 16.33 4.82
N PHE B 107 -15.92 15.08 4.96
CA PHE B 107 -15.89 14.43 6.27
C PHE B 107 -14.58 13.72 6.58
N TRP B 108 -13.96 14.12 7.67
CA TRP B 108 -12.68 13.56 8.10
C TRP B 108 -12.80 12.58 9.27
N GLY B 109 -11.95 11.56 9.24
CA GLY B 109 -11.89 10.61 10.34
C GLY B 109 -10.93 11.26 11.33
N GLN B 110 -10.88 10.76 12.57
CA GLN B 110 -10.01 11.32 13.60
C GLN B 110 -8.53 11.05 13.31
N GLY B 111 -8.27 10.06 12.46
CA GLY B 111 -6.91 9.71 12.07
C GLY B 111 -6.13 8.62 12.81
N THR B 112 -5.07 8.14 12.17
CA THR B 112 -4.17 7.12 12.75
C THR B 112 -2.73 7.63 12.59
N LEU B 113 -1.96 7.57 13.67
CA LEU B 113 -0.59 8.06 13.66
C LEU B 113 0.48 7.08 13.16
N VAL B 114 1.28 7.55 12.21
CA VAL B 114 2.36 6.76 11.63
C VAL B 114 3.65 7.50 11.94
N THR B 115 4.53 6.82 12.68
CA THR B 115 5.81 7.39 13.07
C THR B 115 6.95 6.60 12.46
N VAL B 116 7.68 7.25 11.56
CA VAL B 116 8.82 6.64 10.88
C VAL B 116 10.11 7.00 11.60
N SER B 117 10.71 6.02 12.26
CA SER B 117 11.95 6.27 12.98
C SER B 117 12.76 5.01 13.27
N ALA B 118 14.07 5.20 13.38
CA ALA B 118 15.01 4.12 13.65
C ALA B 118 15.19 3.93 15.16
N ALA B 119 14.81 4.96 15.93
CA ALA B 119 14.93 4.93 17.38
C ALA B 119 14.31 3.69 18.03
N LYS B 120 14.82 3.34 19.21
CA LYS B 120 14.31 2.20 19.97
C LYS B 120 13.76 2.72 21.28
N THR B 121 12.86 1.96 21.91
CA THR B 121 12.27 2.38 23.18
C THR B 121 13.36 2.71 24.20
N THR B 122 13.45 4.00 24.50
CA THR B 122 14.45 4.50 25.43
C THR B 122 13.79 5.30 26.55
N ALA B 123 14.12 4.93 27.78
CA ALA B 123 13.57 5.63 28.92
C ALA B 123 14.19 7.02 28.93
N PRO B 124 13.47 8.01 29.47
CA PRO B 124 13.97 9.38 29.53
C PRO B 124 14.95 9.63 30.70
N SER B 125 15.72 10.70 30.59
CA SER B 125 16.63 11.07 31.67
C SER B 125 15.90 12.26 32.33
N VAL B 126 15.58 12.15 33.60
CA VAL B 126 14.88 13.25 34.29
C VAL B 126 15.81 13.99 35.24
N TYR B 127 15.94 15.30 35.01
CA TYR B 127 16.82 16.12 35.84
C TYR B 127 16.06 17.26 36.48
N PRO B 128 16.35 17.54 37.76
CA PRO B 128 15.73 18.62 38.55
C PRO B 128 16.42 19.95 38.21
N LEU B 129 15.63 20.95 37.82
CA LEU B 129 16.17 22.26 37.47
C LEU B 129 15.99 23.25 38.63
N ALA B 130 17.10 23.49 39.31
CA ALA B 130 17.13 24.42 40.44
C ALA B 130 17.59 25.81 39.97
N PRO B 131 17.01 26.88 40.56
CA PRO B 131 17.35 28.25 40.21
C PRO B 131 18.78 28.63 40.59
N VAL B 132 19.28 29.72 39.98
CA VAL B 132 20.62 30.23 40.30
C VAL B 132 20.38 31.28 41.40
N CYS B 133 21.38 31.53 42.25
CA CYS B 133 21.21 32.49 43.34
C CYS B 133 20.79 33.92 42.92
N GLY B 134 20.97 34.25 41.65
CA GLY B 134 20.60 35.57 41.18
C GLY B 134 19.14 35.72 40.81
N ASP B 135 18.46 34.59 40.60
CA ASP B 135 17.04 34.61 40.23
C ASP B 135 16.12 34.40 41.45
N THR B 136 16.70 33.99 42.58
CA THR B 136 15.93 33.73 43.80
C THR B 136 15.79 34.90 44.76
N THR B 137 16.05 36.11 44.29
CA THR B 137 15.95 37.29 45.13
C THR B 137 14.62 38.04 45.02
N GLY B 138 13.58 37.35 44.55
CA GLY B 138 12.27 38.00 44.40
C GLY B 138 11.10 37.36 45.14
N SER B 139 9.89 37.84 44.84
CA SER B 139 8.66 37.35 45.46
C SER B 139 8.20 35.98 44.91
N SER B 140 8.65 35.65 43.71
CA SER B 140 8.31 34.38 43.10
C SER B 140 9.58 33.62 42.70
N VAL B 141 9.43 32.33 42.45
CA VAL B 141 10.56 31.50 42.06
C VAL B 141 10.11 30.47 41.04
N THR B 142 10.90 30.29 39.98
CA THR B 142 10.57 29.34 38.94
C THR B 142 11.50 28.13 39.03
N LEU B 143 10.90 26.94 39.01
CA LEU B 143 11.65 25.69 39.07
C LEU B 143 11.46 24.99 37.74
N GLY B 144 12.26 23.97 37.47
CA GLY B 144 12.13 23.29 36.20
C GLY B 144 12.42 21.80 36.25
N CYS B 145 12.13 21.14 35.14
CA CYS B 145 12.35 19.72 35.01
C CYS B 145 12.70 19.38 33.56
N LEU B 146 13.87 18.77 33.38
CA LEU B 146 14.33 18.39 32.05
C LEU B 146 14.18 16.89 31.81
N VAL B 147 13.30 16.52 30.89
CA VAL B 147 13.06 15.12 30.55
C VAL B 147 13.77 14.91 29.20
N LYS B 148 14.96 14.32 29.26
CA LYS B 148 15.79 14.15 28.06
C LYS B 148 15.90 12.75 27.43
N GLY B 149 16.13 12.77 26.12
CA GLY B 149 16.31 11.57 25.33
C GLY B 149 15.44 10.34 25.51
N TYR B 150 14.13 10.49 25.38
CA TYR B 150 13.26 9.32 25.50
C TYR B 150 12.67 8.93 24.15
N PHE B 151 12.16 7.70 24.09
CA PHE B 151 11.51 7.19 22.89
C PHE B 151 10.70 5.95 23.21
N PRO B 152 9.47 5.86 22.70
CA PRO B 152 8.88 6.91 21.85
C PRO B 152 8.16 7.95 22.70
N GLU B 153 7.38 8.77 22.03
CA GLU B 153 6.58 9.76 22.72
C GLU B 153 5.33 8.95 23.11
N PRO B 154 4.61 9.39 24.15
CA PRO B 154 4.89 10.58 24.95
C PRO B 154 5.29 10.23 26.39
N VAL B 155 5.46 11.26 27.21
CA VAL B 155 5.77 11.06 28.61
C VAL B 155 4.67 11.83 29.35
N THR B 156 4.52 11.56 30.63
CA THR B 156 3.55 12.26 31.44
C THR B 156 4.30 12.87 32.62
N LEU B 157 4.33 14.20 32.65
CA LEU B 157 5.02 14.95 33.69
C LEU B 157 4.02 15.72 34.52
N THR B 158 4.20 15.67 35.84
CA THR B 158 3.34 16.40 36.77
C THR B 158 4.21 16.94 37.88
N TRP B 159 3.65 17.86 38.66
CA TRP B 159 4.36 18.44 39.79
C TRP B 159 3.59 18.08 41.07
N ASN B 160 4.30 17.50 42.04
CA ASN B 160 3.68 17.09 43.27
C ASN B 160 2.47 16.19 43.00
N SER B 161 2.59 15.38 41.95
CA SER B 161 1.56 14.41 41.55
C SER B 161 0.34 15.05 40.93
N GLY B 162 0.44 16.31 40.57
CA GLY B 162 -0.71 16.99 40.01
C GLY B 162 -1.24 17.95 41.06
N SER B 163 -0.70 17.82 42.27
CA SER B 163 -1.08 18.68 43.39
C SER B 163 -0.74 20.09 42.96
N LEU B 164 0.39 20.24 42.28
CA LEU B 164 0.88 21.54 41.80
C LEU B 164 0.47 21.71 40.35
N SER B 165 -0.62 22.44 40.14
CA SER B 165 -1.17 22.66 38.82
C SER B 165 -1.01 24.05 38.17
N SER B 166 -1.25 25.10 38.93
CA SER B 166 -1.14 26.45 38.37
C SER B 166 0.28 26.99 38.22
N GLY B 167 0.48 27.86 37.23
CA GLY B 167 1.77 28.47 36.99
C GLY B 167 2.77 27.50 36.39
N VAL B 168 2.24 26.54 35.64
CA VAL B 168 3.09 25.53 35.02
C VAL B 168 3.08 25.63 33.49
N HIS B 169 4.25 25.39 32.90
CA HIS B 169 4.40 25.40 31.45
C HIS B 169 5.19 24.17 31.07
N THR B 170 4.51 23.16 30.51
CA THR B 170 5.19 21.96 30.08
C THR B 170 5.33 22.15 28.56
N PHE B 171 6.57 22.27 28.11
CA PHE B 171 6.81 22.51 26.69
C PHE B 171 6.76 21.28 25.80
N PRO B 172 6.30 21.48 24.55
CA PRO B 172 6.19 20.40 23.57
C PRO B 172 7.54 19.70 23.35
N ALA B 173 7.51 18.37 23.27
CA ALA B 173 8.73 17.60 23.07
C ALA B 173 9.31 17.85 21.68
N VAL B 174 10.64 17.89 21.60
CA VAL B 174 11.32 18.10 20.34
C VAL B 174 12.38 17.00 20.18
N LEU B 175 12.73 16.68 18.93
CA LEU B 175 13.73 15.66 18.63
C LEU B 175 15.11 16.24 18.85
N GLN B 176 15.93 15.54 19.63
CA GLN B 176 17.28 15.97 19.93
C GLN B 176 18.25 15.22 19.02
N SER B 177 17.84 14.02 18.63
CA SER B 177 18.63 13.15 17.76
C SER B 177 17.93 11.79 17.75
N ASP B 178 16.80 11.73 17.05
CA ASP B 178 16.00 10.52 16.98
C ASP B 178 15.43 10.18 18.35
N LEU B 179 15.65 11.10 19.29
CA LEU B 179 15.14 10.96 20.65
C LEU B 179 14.47 12.27 21.04
N TYR B 180 13.45 12.16 21.90
CA TYR B 180 12.70 13.32 22.38
C TYR B 180 13.20 13.93 23.68
N THR B 181 13.05 15.25 23.76
CA THR B 181 13.43 15.98 24.96
C THR B 181 12.32 16.99 25.27
N LEU B 182 11.95 17.06 26.53
CA LEU B 182 10.91 17.95 27.01
C LEU B 182 11.34 18.63 28.30
N SER B 183 10.74 19.78 28.60
CA SER B 183 11.03 20.50 29.83
C SER B 183 9.76 21.14 30.35
N SER B 184 9.65 21.23 31.67
CA SER B 184 8.51 21.86 32.31
C SER B 184 9.03 22.86 33.33
N SER B 185 8.26 23.91 33.56
CA SER B 185 8.62 24.93 34.52
C SER B 185 7.42 25.20 35.41
N VAL B 186 7.68 25.42 36.68
CA VAL B 186 6.61 25.76 37.60
C VAL B 186 7.05 26.98 38.38
N THR B 187 6.16 27.95 38.49
CA THR B 187 6.44 29.17 39.22
C THR B 187 5.54 29.22 40.46
N VAL B 188 6.15 29.46 41.61
CA VAL B 188 5.43 29.53 42.89
C VAL B 188 6.00 30.70 43.71
N THR B 189 5.34 31.03 44.81
CA THR B 189 5.81 32.10 45.69
C THR B 189 7.12 31.65 46.30
N SER B 190 7.97 32.60 46.67
CA SER B 190 9.26 32.28 47.28
C SER B 190 9.02 31.58 48.61
N SER B 191 7.85 31.83 49.20
CA SER B 191 7.50 31.25 50.50
C SER B 191 6.95 29.84 50.34
N THR B 192 6.66 29.47 49.10
CA THR B 192 6.15 28.14 48.78
C THR B 192 7.31 27.15 48.73
N TRP B 193 8.40 27.56 48.08
CA TRP B 193 9.57 26.71 47.92
C TRP B 193 10.82 27.51 48.22
N PRO B 194 11.86 26.90 48.84
CA PRO B 194 11.94 25.49 49.28
C PRO B 194 11.19 25.17 50.56
N SER B 195 10.51 26.18 51.09
CA SER B 195 9.71 26.07 52.31
C SER B 195 8.78 24.85 52.27
N GLN B 196 8.22 24.59 51.08
CA GLN B 196 7.33 23.45 50.84
C GLN B 196 7.90 22.60 49.70
N SER B 197 7.72 21.30 49.81
CA SER B 197 8.19 20.32 48.83
C SER B 197 7.66 20.43 47.39
N ILE B 198 8.57 20.34 46.41
CA ILE B 198 8.16 20.36 45.01
C ILE B 198 8.90 19.29 44.21
N THR B 199 8.13 18.32 43.72
CA THR B 199 8.69 17.22 42.96
C THR B 199 8.13 17.11 41.54
N CYS B 200 9.01 16.74 40.64
CA CYS B 200 8.66 16.55 39.26
C CYS B 200 8.43 15.03 39.10
N ASN B 201 7.22 14.67 38.65
CA ASN B 201 6.87 13.25 38.44
C ASN B 201 6.81 12.98 36.96
N VAL B 202 7.68 12.09 36.47
CA VAL B 202 7.68 11.79 35.05
C VAL B 202 7.46 10.30 34.77
N ALA B 203 6.52 10.03 33.88
CA ALA B 203 6.21 8.65 33.50
C ALA B 203 6.43 8.50 32.00
N HIS B 204 6.89 7.32 31.61
CA HIS B 204 7.12 7.01 30.21
C HIS B 204 6.61 5.59 30.03
N PRO B 205 5.29 5.45 29.79
CA PRO B 205 4.63 4.17 29.61
C PRO B 205 5.34 3.14 28.71
N ALA B 206 5.88 3.59 27.58
CA ALA B 206 6.58 2.69 26.65
C ALA B 206 7.74 1.93 27.28
N SER B 207 8.41 2.56 28.26
CA SER B 207 9.53 1.91 28.94
C SER B 207 9.21 1.55 30.38
N SER B 208 7.91 1.59 30.71
CA SER B 208 7.46 1.27 32.06
C SER B 208 8.22 2.16 33.06
N THR B 209 8.38 3.43 32.70
CA THR B 209 9.10 4.37 33.56
C THR B 209 8.15 5.25 34.35
N GLN B 210 8.55 5.52 35.58
CA GLN B 210 7.82 6.38 36.50
C GLN B 210 8.80 6.86 37.53
N VAL B 211 9.46 7.98 37.23
CA VAL B 211 10.46 8.56 38.12
C VAL B 211 10.03 9.88 38.77
N ASP B 212 10.61 10.17 39.93
CA ASP B 212 10.32 11.39 40.66
C ASP B 212 11.61 12.13 40.95
N LYS B 213 11.57 13.45 40.77
CA LYS B 213 12.73 14.29 40.99
C LYS B 213 12.32 15.50 41.81
N LYS B 214 12.80 15.56 43.05
CA LYS B 214 12.50 16.69 43.92
C LYS B 214 13.54 17.78 43.65
N ILE B 215 13.07 19.00 43.41
CA ILE B 215 13.95 20.13 43.14
C ILE B 215 14.55 20.63 44.45
N GLU B 216 15.87 20.54 44.58
CA GLU B 216 16.53 21.01 45.78
C GLU B 216 17.30 22.27 45.49
N PRO B 217 17.28 23.23 46.44
CA PRO B 217 18.01 24.48 46.21
C PRO B 217 19.48 24.09 45.97
N ARG B 218 20.20 24.86 45.16
CA ARG B 218 21.60 24.57 44.88
C ARG B 218 22.54 25.02 46.01
N GLY B 219 23.82 25.13 45.71
CA GLY B 219 24.79 25.55 46.71
C GLY B 219 25.42 24.43 47.50
N PRO B 220 26.72 24.55 47.86
CA PRO B 220 27.40 23.50 48.62
C PRO B 220 26.66 23.28 49.94
N ASP C 1 -4.52 -22.56 10.44
CA ASP C 1 -3.37 -22.39 9.51
C ASP C 1 -3.30 -20.95 9.07
N VAL C 2 -2.13 -20.54 8.57
CA VAL C 2 -1.92 -19.17 8.11
C VAL C 2 -2.11 -19.09 6.59
N LEU C 3 -3.05 -18.25 6.16
CA LEU C 3 -3.34 -18.08 4.74
C LEU C 3 -2.75 -16.77 4.24
N MET C 4 -2.08 -16.85 3.08
CA MET C 4 -1.44 -15.68 2.48
C MET C 4 -2.30 -15.12 1.37
N THR C 5 -2.48 -13.80 1.37
CA THR C 5 -3.30 -13.13 0.37
C THR C 5 -2.52 -12.05 -0.35
N GLN C 6 -2.45 -12.16 -1.68
CA GLN C 6 -1.75 -11.21 -2.50
C GLN C 6 -2.63 -10.25 -3.29
N THR C 7 -2.25 -8.97 -3.25
CA THR C 7 -2.93 -7.88 -3.94
C THR C 7 -1.89 -7.03 -4.65
N PRO C 8 -2.16 -6.62 -5.90
CA PRO C 8 -3.37 -6.97 -6.64
C PRO C 8 -3.08 -8.27 -7.37
N LEU C 9 -4.10 -8.92 -7.93
CA LEU C 9 -3.83 -10.16 -8.64
C LEU C 9 -3.21 -9.85 -10.01
N SER C 10 -3.21 -8.58 -10.37
CA SER C 10 -2.65 -8.12 -11.63
C SER C 10 -2.21 -6.67 -11.50
N LEU C 11 -0.96 -6.41 -11.84
CA LEU C 11 -0.38 -5.07 -11.76
C LEU C 11 0.07 -4.55 -13.10
N PRO C 12 -0.73 -3.66 -13.71
CA PRO C 12 -0.31 -3.12 -15.01
C PRO C 12 0.79 -2.09 -14.78
N VAL C 13 1.93 -2.28 -15.43
CA VAL C 13 3.04 -1.36 -15.26
C VAL C 13 3.63 -0.91 -16.59
N SER C 14 4.34 0.21 -16.52
CA SER C 14 5.03 0.78 -17.67
C SER C 14 6.48 0.55 -17.26
N LEU C 15 7.34 0.35 -18.24
CA LEU C 15 8.75 0.13 -17.96
C LEU C 15 9.36 1.35 -17.25
N GLY C 16 10.29 1.09 -16.35
CA GLY C 16 10.93 2.18 -15.62
C GLY C 16 10.17 2.52 -14.35
N ASP C 17 8.96 1.98 -14.22
CA ASP C 17 8.12 2.22 -13.06
C ASP C 17 8.63 1.66 -11.72
N GLN C 18 8.32 2.38 -10.65
CA GLN C 18 8.66 1.95 -9.29
C GLN C 18 7.39 1.23 -8.89
N VAL C 19 7.51 0.01 -8.38
CA VAL C 19 6.31 -0.73 -8.04
C VAL C 19 6.38 -1.46 -6.70
N SER C 20 5.20 -1.68 -6.12
CA SER C 20 5.04 -2.39 -4.84
C SER C 20 3.88 -3.40 -4.95
N ILE C 21 4.15 -4.63 -4.56
CA ILE C 21 3.16 -5.73 -4.56
C ILE C 21 2.95 -6.13 -3.10
N PHE C 22 1.72 -6.46 -2.73
CA PHE C 22 1.46 -6.79 -1.35
C PHE C 22 1.04 -8.22 -1.04
N CYS C 23 1.27 -8.59 0.21
CA CYS C 23 0.99 -9.93 0.69
C CYS C 23 0.57 -9.85 2.16
N THR C 24 -0.60 -10.38 2.46
CA THR C 24 -1.13 -10.36 3.82
C THR C 24 -1.27 -11.76 4.39
N SER C 25 -0.80 -11.95 5.61
CA SER C 25 -0.94 -13.25 6.27
C SER C 25 -2.21 -13.13 7.12
N SER C 26 -2.91 -14.25 7.29
CA SER C 26 -4.14 -14.25 8.08
C SER C 26 -3.87 -13.99 9.57
N GLN C 27 -2.59 -14.06 9.93
CA GLN C 27 -2.14 -13.81 11.30
C GLN C 27 -0.63 -13.63 11.29
N THR C 28 -0.08 -13.27 12.44
CA THR C 28 1.36 -13.05 12.57
C THR C 28 2.14 -14.28 12.16
N ILE C 29 3.31 -14.04 11.58
CA ILE C 29 4.17 -15.12 11.12
C ILE C 29 5.61 -15.06 11.64
N VAL C 30 5.78 -15.20 12.95
CA VAL C 30 7.10 -15.22 13.55
C VAL C 30 7.33 -16.64 14.05
N HIS C 31 8.39 -17.27 13.56
CA HIS C 31 8.76 -18.62 13.96
C HIS C 31 9.11 -18.51 15.43
N THR C 32 9.23 -19.65 16.12
CA THR C 32 9.56 -19.63 17.54
C THR C 32 11.00 -19.22 17.79
N ASN C 33 11.82 -19.26 16.74
CA ASN C 33 13.22 -18.88 16.89
C ASN C 33 13.33 -17.38 16.64
N GLY C 34 12.18 -16.72 16.53
CA GLY C 34 12.14 -15.29 16.32
C GLY C 34 12.16 -14.77 14.89
N ASN C 35 12.52 -15.62 13.94
CA ASN C 35 12.58 -15.20 12.54
C ASN C 35 11.23 -15.23 11.84
N THR C 36 11.08 -14.36 10.84
CA THR C 36 9.86 -14.33 10.04
C THR C 36 10.26 -14.85 8.66
N TYR C 37 9.86 -16.09 8.38
CA TYR C 37 10.17 -16.78 7.14
C TYR C 37 9.24 -16.40 5.99
N LEU C 38 9.31 -15.14 5.57
CA LEU C 38 8.48 -14.68 4.46
C LEU C 38 9.38 -14.56 3.25
N GLU C 39 9.08 -15.35 2.21
CA GLU C 39 9.87 -15.37 0.98
C GLU C 39 9.04 -14.90 -0.21
N TRP C 40 9.74 -14.32 -1.20
CA TRP C 40 9.15 -13.84 -2.46
C TRP C 40 9.78 -14.59 -3.64
N TYR C 41 8.93 -15.05 -4.56
CA TYR C 41 9.37 -15.80 -5.74
C TYR C 41 8.84 -15.19 -7.04
N LEU C 42 9.66 -15.20 -8.07
CA LEU C 42 9.23 -14.72 -9.37
C LEU C 42 9.28 -15.92 -10.31
N GLN C 43 8.19 -16.15 -11.03
CA GLN C 43 8.14 -17.24 -11.98
C GLN C 43 8.00 -16.60 -13.36
N LYS C 44 8.99 -16.87 -14.21
CA LYS C 44 8.99 -16.32 -15.56
C LYS C 44 8.19 -17.28 -16.42
N PRO C 45 7.43 -16.75 -17.38
CA PRO C 45 6.67 -17.67 -18.21
C PRO C 45 7.57 -18.79 -18.73
N GLY C 46 7.09 -20.03 -18.60
CA GLY C 46 7.87 -21.17 -19.06
C GLY C 46 8.95 -21.69 -18.11
N GLN C 47 9.27 -20.93 -17.07
CA GLN C 47 10.29 -21.35 -16.12
C GLN C 47 9.74 -21.69 -14.74
N SER C 48 10.59 -22.31 -13.92
CA SER C 48 10.23 -22.65 -12.56
C SER C 48 10.43 -21.39 -11.72
N PRO C 49 9.81 -21.33 -10.53
CA PRO C 49 9.95 -20.17 -9.66
C PRO C 49 11.37 -19.98 -9.13
N LYS C 50 11.77 -18.71 -8.98
CA LYS C 50 13.09 -18.35 -8.47
C LYS C 50 12.97 -17.39 -7.28
N LEU C 51 13.74 -17.69 -6.23
CA LEU C 51 13.78 -16.89 -5.02
C LEU C 51 14.32 -15.47 -5.27
N LEU C 52 13.62 -14.48 -4.70
CA LEU C 52 14.01 -13.08 -4.83
C LEU C 52 14.43 -12.56 -3.46
N ILE C 53 13.55 -12.74 -2.49
CA ILE C 53 13.75 -12.26 -1.13
C ILE C 53 13.43 -13.36 -0.12
N TYR C 54 14.21 -13.47 0.95
CA TYR C 54 13.94 -14.44 2.01
C TYR C 54 13.90 -13.67 3.33
N LYS C 55 13.31 -14.29 4.35
CA LYS C 55 13.16 -13.67 5.67
C LYS C 55 12.76 -12.19 5.56
N VAL C 56 11.69 -11.95 4.79
CA VAL C 56 11.10 -10.62 4.60
C VAL C 56 11.88 -9.57 3.80
N SER C 57 13.14 -9.34 4.15
CA SER C 57 13.91 -8.30 3.50
C SER C 57 15.30 -8.65 2.96
N ASN C 58 15.66 -9.93 2.98
CA ASN C 58 16.97 -10.33 2.51
C ASN C 58 16.95 -10.72 1.03
N ARG C 59 17.55 -9.87 0.19
CA ARG C 59 17.60 -10.16 -1.24
C ARG C 59 18.55 -11.31 -1.40
N PHE C 60 18.16 -12.28 -2.22
CA PHE C 60 18.99 -13.44 -2.44
C PHE C 60 20.16 -13.10 -3.36
N SER C 61 21.31 -13.70 -3.07
CA SER C 61 22.49 -13.46 -3.89
C SER C 61 22.18 -13.69 -5.36
N GLY C 62 22.55 -12.72 -6.19
CA GLY C 62 22.33 -12.82 -7.62
C GLY C 62 21.10 -12.08 -8.11
N VAL C 63 20.21 -11.73 -7.18
CA VAL C 63 18.97 -11.01 -7.50
C VAL C 63 19.29 -9.52 -7.69
N PRO C 64 18.73 -8.90 -8.75
CA PRO C 64 18.98 -7.48 -9.02
C PRO C 64 18.68 -6.54 -7.86
N ASP C 65 19.53 -5.52 -7.72
CA ASP C 65 19.41 -4.52 -6.68
C ASP C 65 18.10 -3.75 -6.65
N ARG C 66 17.31 -3.86 -7.71
CA ARG C 66 16.03 -3.14 -7.79
C ARG C 66 14.93 -3.83 -6.98
N PHE C 67 15.18 -5.08 -6.60
CA PHE C 67 14.23 -5.84 -5.82
C PHE C 67 14.53 -5.68 -4.34
N SER C 68 13.49 -5.52 -3.54
CA SER C 68 13.64 -5.40 -2.10
C SER C 68 12.35 -5.86 -1.40
N GLY C 69 12.48 -6.34 -0.17
CA GLY C 69 11.33 -6.79 0.57
C GLY C 69 11.27 -6.09 1.94
N SER C 70 10.07 -5.93 2.47
CA SER C 70 9.88 -5.29 3.76
C SER C 70 8.50 -5.64 4.33
N GLY C 71 8.22 -5.13 5.52
CA GLY C 71 6.93 -5.40 6.15
C GLY C 71 7.07 -5.96 7.55
N SER C 72 5.94 -6.23 8.19
CA SER C 72 5.89 -6.75 9.55
C SER C 72 4.47 -7.14 9.95
N GLY C 73 4.35 -7.84 11.07
CA GLY C 73 3.03 -8.25 11.54
C GLY C 73 2.32 -9.13 10.52
N THR C 74 1.37 -8.55 9.78
CA THR C 74 0.62 -9.30 8.77
C THR C 74 0.76 -8.64 7.40
N ASP C 75 1.52 -7.56 7.33
CA ASP C 75 1.71 -6.80 6.10
C ASP C 75 3.14 -6.86 5.56
N PHE C 76 3.26 -7.37 4.35
CA PHE C 76 4.56 -7.50 3.69
C PHE C 76 4.47 -6.98 2.27
N THR C 77 5.57 -6.35 1.83
CA THR C 77 5.63 -5.74 0.51
C THR C 77 6.89 -6.04 -0.28
N LEU C 78 6.72 -6.20 -1.59
CA LEU C 78 7.82 -6.42 -2.48
C LEU C 78 7.89 -5.15 -3.33
N LYS C 79 9.09 -4.61 -3.45
CA LYS C 79 9.32 -3.39 -4.22
C LYS C 79 10.30 -3.64 -5.35
N ILE C 80 10.05 -2.97 -6.49
CA ILE C 80 10.91 -3.03 -7.67
C ILE C 80 11.08 -1.54 -8.00
N SER C 81 12.29 -1.03 -7.83
CA SER C 81 12.59 0.39 -8.02
C SER C 81 12.43 0.95 -9.42
N ARG C 82 12.70 0.11 -10.43
CA ARG C 82 12.62 0.54 -11.82
C ARG C 82 12.40 -0.74 -12.60
N VAL C 83 11.13 -1.04 -12.85
CA VAL C 83 10.72 -2.22 -13.59
C VAL C 83 11.31 -2.33 -14.99
N GLU C 84 11.81 -3.53 -15.27
CA GLU C 84 12.42 -3.90 -16.54
C GLU C 84 11.52 -4.94 -17.21
N THR C 85 11.59 -5.02 -18.53
CA THR C 85 10.76 -5.98 -19.27
C THR C 85 10.98 -7.39 -18.71
N GLU C 86 12.21 -7.68 -18.30
CA GLU C 86 12.54 -9.00 -17.74
C GLU C 86 11.84 -9.32 -16.42
N ASP C 87 11.40 -8.30 -15.71
CA ASP C 87 10.72 -8.47 -14.43
C ASP C 87 9.29 -8.98 -14.57
N LEU C 88 8.70 -8.83 -15.76
CA LEU C 88 7.34 -9.29 -15.99
C LEU C 88 7.17 -10.78 -15.71
N GLY C 89 6.03 -11.13 -15.11
CA GLY C 89 5.74 -12.51 -14.77
C GLY C 89 4.92 -12.47 -13.49
N ILE C 90 4.79 -13.61 -12.82
CA ILE C 90 4.03 -13.62 -11.58
C ILE C 90 4.90 -13.76 -10.34
N TYR C 91 4.62 -12.91 -9.36
CA TYR C 91 5.35 -12.93 -8.11
C TYR C 91 4.55 -13.65 -7.05
N TYR C 92 5.23 -14.46 -6.25
CA TYR C 92 4.57 -15.24 -5.20
C TYR C 92 5.17 -14.99 -3.83
N CYS C 93 4.32 -14.86 -2.82
CA CYS C 93 4.83 -14.72 -1.47
C CYS C 93 4.56 -16.04 -0.77
N PHE C 94 5.33 -16.29 0.29
CA PHE C 94 5.26 -17.54 1.02
C PHE C 94 5.55 -17.35 2.51
N GLN C 95 4.80 -18.03 3.36
CA GLN C 95 5.05 -17.97 4.80
C GLN C 95 5.46 -19.37 5.21
N GLY C 96 6.56 -19.47 5.94
CA GLY C 96 7.04 -20.76 6.39
C GLY C 96 7.36 -20.73 7.88
N SER C 97 6.83 -19.73 8.55
CA SER C 97 7.02 -19.54 9.99
C SER C 97 6.20 -20.53 10.81
N HIS C 98 5.07 -20.95 10.24
CA HIS C 98 4.16 -21.90 10.88
C HIS C 98 3.74 -22.99 9.89
N PHE C 99 3.51 -24.19 10.38
CA PHE C 99 3.03 -25.27 9.49
C PHE C 99 1.49 -25.23 9.58
N PRO C 100 0.81 -25.49 8.45
CA PRO C 100 1.43 -25.82 7.17
C PRO C 100 2.01 -24.57 6.49
N LEU C 101 3.05 -24.77 5.69
CA LEU C 101 3.69 -23.69 4.94
C LEU C 101 2.66 -23.24 3.90
N ALA C 102 2.56 -21.94 3.67
CA ALA C 102 1.57 -21.41 2.74
C ALA C 102 2.04 -20.37 1.71
N PHE C 103 1.52 -20.51 0.49
CA PHE C 103 1.84 -19.60 -0.61
C PHE C 103 0.67 -18.63 -0.88
N GLY C 104 0.99 -17.45 -1.42
CA GLY C 104 -0.04 -16.50 -1.78
C GLY C 104 -0.44 -16.94 -3.17
N ALA C 105 -1.56 -16.45 -3.68
CA ALA C 105 -2.05 -16.84 -5.00
C ALA C 105 -1.26 -16.23 -6.17
N GLY C 106 -0.40 -15.27 -5.87
CA GLY C 106 0.39 -14.66 -6.92
C GLY C 106 -0.15 -13.34 -7.43
N THR C 107 0.76 -12.54 -7.96
CA THR C 107 0.45 -11.25 -8.56
C THR C 107 1.15 -11.22 -9.90
N LYS C 108 0.38 -10.95 -10.94
CA LYS C 108 0.93 -10.91 -12.28
C LYS C 108 1.42 -9.52 -12.65
N LEU C 109 2.68 -9.43 -13.06
CA LEU C 109 3.24 -8.16 -13.48
C LEU C 109 3.02 -8.07 -14.99
N GLU C 110 2.08 -7.23 -15.40
CA GLU C 110 1.75 -7.07 -16.82
C GLU C 110 1.93 -5.65 -17.32
N LEU C 111 2.08 -5.54 -18.64
CA LEU C 111 2.29 -4.27 -19.32
C LEU C 111 1.05 -3.46 -19.63
N LYS C 112 1.16 -2.17 -19.30
CA LYS C 112 0.11 -1.20 -19.52
C LYS C 112 0.13 -0.76 -21.00
N ARG C 113 -1.02 -0.30 -21.48
CA ARG C 113 -1.15 0.18 -22.85
C ARG C 113 -2.48 0.87 -23.00
N ALA C 114 -2.76 1.37 -24.20
CA ALA C 114 -4.01 2.08 -24.45
C ALA C 114 -5.17 1.11 -24.49
N ASP C 115 -6.32 1.57 -23.99
CA ASP C 115 -7.51 0.77 -23.98
C ASP C 115 -7.70 0.28 -25.40
N ALA C 116 -8.33 -0.88 -25.55
CA ALA C 116 -8.59 -1.41 -26.89
C ALA C 116 -9.89 -2.19 -26.84
N ALA C 117 -10.85 -1.78 -27.66
CA ALA C 117 -12.11 -2.50 -27.70
C ALA C 117 -11.83 -3.85 -28.38
N PRO C 118 -12.59 -4.88 -27.97
CA PRO C 118 -12.40 -6.19 -28.56
C PRO C 118 -13.08 -6.32 -29.93
N THR C 119 -12.50 -7.14 -30.80
CA THR C 119 -13.10 -7.41 -32.11
C THR C 119 -13.83 -8.71 -31.84
N VAL C 120 -15.17 -8.67 -31.91
CA VAL C 120 -15.99 -9.84 -31.64
C VAL C 120 -16.52 -10.49 -32.91
N SER C 121 -16.32 -11.81 -33.00
CA SER C 121 -16.77 -12.60 -34.13
C SER C 121 -17.54 -13.80 -33.58
N ILE C 122 -18.61 -14.17 -34.26
CA ILE C 122 -19.42 -15.29 -33.83
C ILE C 122 -19.43 -16.37 -34.91
N PHE C 123 -19.37 -17.63 -34.50
CA PHE C 123 -19.34 -18.73 -35.44
C PHE C 123 -20.33 -19.85 -35.12
N PRO C 124 -21.27 -20.11 -36.05
CA PRO C 124 -22.27 -21.16 -35.87
C PRO C 124 -21.62 -22.54 -36.00
N PRO C 125 -22.35 -23.60 -35.59
CA PRO C 125 -21.81 -24.96 -35.68
C PRO C 125 -21.37 -25.26 -37.10
N SER C 126 -20.39 -26.16 -37.27
CA SER C 126 -19.96 -26.51 -38.61
C SER C 126 -20.88 -27.60 -39.14
N SER C 127 -20.93 -27.75 -40.46
CA SER C 127 -21.77 -28.78 -41.07
C SER C 127 -21.22 -30.14 -40.66
N GLU C 128 -19.91 -30.22 -40.48
CA GLU C 128 -19.25 -31.46 -40.08
C GLU C 128 -19.73 -31.87 -38.69
N GLN C 129 -19.63 -30.94 -37.74
CA GLN C 129 -20.04 -31.19 -36.37
C GLN C 129 -21.53 -31.50 -36.32
N LEU C 130 -22.31 -30.76 -37.10
CA LEU C 130 -23.75 -31.01 -37.17
C LEU C 130 -23.92 -32.48 -37.59
N THR C 131 -23.34 -32.84 -38.73
CA THR C 131 -23.41 -34.21 -39.26
C THR C 131 -23.17 -35.26 -38.18
N SER C 132 -22.08 -35.12 -37.43
CA SER C 132 -21.76 -36.06 -36.37
C SER C 132 -22.70 -35.86 -35.17
N GLY C 133 -23.67 -34.95 -35.33
CA GLY C 133 -24.63 -34.72 -34.27
C GLY C 133 -24.30 -33.72 -33.18
N GLY C 134 -23.32 -32.86 -33.40
CA GLY C 134 -22.97 -31.89 -32.37
C GLY C 134 -23.29 -30.46 -32.80
N ALA C 135 -23.19 -29.53 -31.85
CA ALA C 135 -23.45 -28.11 -32.15
C ALA C 135 -22.73 -27.14 -31.23
N SER C 136 -21.54 -26.71 -31.60
CA SER C 136 -20.80 -25.77 -30.78
C SER C 136 -20.85 -24.38 -31.44
N VAL C 137 -21.23 -23.37 -30.67
CA VAL C 137 -21.28 -22.00 -31.16
C VAL C 137 -20.10 -21.28 -30.49
N VAL C 138 -19.18 -20.78 -31.32
CA VAL C 138 -17.99 -20.12 -30.81
C VAL C 138 -18.03 -18.61 -31.01
N CYS C 139 -17.37 -17.91 -30.10
CA CYS C 139 -17.29 -16.47 -30.16
C CYS C 139 -15.89 -16.01 -29.71
N PHE C 140 -15.23 -15.23 -30.56
CA PHE C 140 -13.90 -14.70 -30.26
C PHE C 140 -13.97 -13.19 -29.98
N LEU C 141 -13.41 -12.80 -28.85
CA LEU C 141 -13.34 -11.40 -28.43
C LEU C 141 -11.83 -11.18 -28.45
N ASN C 142 -11.32 -10.57 -29.51
CA ASN C 142 -9.87 -10.42 -29.63
C ASN C 142 -9.23 -9.03 -29.52
N ASN C 143 -7.97 -9.07 -29.07
CA ASN C 143 -7.08 -7.91 -28.89
C ASN C 143 -7.66 -6.72 -28.11
N PHE C 144 -8.19 -6.98 -26.92
CA PHE C 144 -8.75 -5.91 -26.10
C PHE C 144 -7.82 -5.55 -24.93
N TYR C 145 -8.12 -4.43 -24.29
CA TYR C 145 -7.34 -3.97 -23.17
C TYR C 145 -8.10 -2.84 -22.48
N PRO C 146 -8.21 -2.88 -21.14
CA PRO C 146 -7.66 -3.89 -20.23
C PRO C 146 -8.13 -5.34 -20.46
N LYS C 147 -7.62 -6.27 -19.65
CA LYS C 147 -7.98 -7.69 -19.76
C LYS C 147 -9.36 -8.04 -19.21
N ASP C 148 -9.91 -7.17 -18.36
CA ASP C 148 -11.22 -7.37 -17.76
C ASP C 148 -12.32 -7.35 -18.83
N ILE C 149 -13.16 -8.38 -18.85
CA ILE C 149 -14.21 -8.44 -19.86
C ILE C 149 -15.28 -9.49 -19.55
N ASN C 150 -16.52 -9.18 -19.91
CA ASN C 150 -17.68 -10.07 -19.70
C ASN C 150 -18.33 -10.47 -21.01
N VAL C 151 -18.74 -11.73 -21.13
CA VAL C 151 -19.38 -12.22 -22.34
C VAL C 151 -20.70 -12.83 -21.95
N LYS C 152 -21.74 -12.52 -22.74
CA LYS C 152 -23.11 -13.01 -22.49
C LYS C 152 -23.73 -13.69 -23.72
N TRP C 153 -24.23 -14.90 -23.54
CA TRP C 153 -24.87 -15.63 -24.64
C TRP C 153 -26.39 -15.52 -24.55
N LYS C 154 -27.02 -15.31 -25.70
CA LYS C 154 -28.48 -15.20 -25.78
C LYS C 154 -28.95 -16.07 -26.93
N ILE C 155 -29.95 -16.89 -26.67
CA ILE C 155 -30.52 -17.77 -27.68
C ILE C 155 -32.00 -17.43 -27.81
N ASP C 156 -32.36 -16.94 -28.98
CA ASP C 156 -33.72 -16.55 -29.25
C ASP C 156 -34.12 -15.46 -28.27
N GLY C 157 -33.15 -14.61 -27.97
CA GLY C 157 -33.37 -13.50 -27.07
C GLY C 157 -33.15 -13.74 -25.59
N SER C 158 -33.13 -15.01 -25.18
CA SER C 158 -32.94 -15.36 -23.78
C SER C 158 -31.50 -15.72 -23.46
N GLU C 159 -31.03 -15.26 -22.30
CA GLU C 159 -29.65 -15.51 -21.86
C GLU C 159 -29.35 -16.98 -21.53
N ARG C 160 -28.19 -17.44 -21.97
CA ARG C 160 -27.78 -18.82 -21.75
C ARG C 160 -26.45 -18.85 -20.99
N GLN C 161 -26.56 -19.04 -19.68
CA GLN C 161 -25.42 -19.07 -18.77
C GLN C 161 -24.81 -20.47 -18.72
N ASN C 162 -25.65 -21.47 -18.92
CA ASN C 162 -25.24 -22.86 -18.86
C ASN C 162 -24.66 -23.39 -20.18
N GLY C 163 -23.62 -24.23 -20.08
CA GLY C 163 -22.99 -24.86 -21.23
C GLY C 163 -21.95 -24.04 -21.97
N VAL C 164 -21.30 -23.13 -21.25
CA VAL C 164 -20.31 -22.23 -21.84
C VAL C 164 -18.89 -22.53 -21.34
N LEU C 165 -17.92 -22.47 -22.25
CA LEU C 165 -16.53 -22.72 -21.90
C LEU C 165 -15.68 -21.55 -22.40
N ASN C 166 -14.97 -20.91 -21.49
CA ASN C 166 -14.15 -19.75 -21.86
C ASN C 166 -12.67 -19.96 -21.66
N SER C 167 -11.88 -19.39 -22.56
CA SER C 167 -10.44 -19.49 -22.49
C SER C 167 -9.86 -18.11 -22.78
N TRP C 168 -8.77 -17.80 -22.08
CA TRP C 168 -8.11 -16.51 -22.20
C TRP C 168 -6.64 -16.71 -22.55
N THR C 169 -6.17 -15.88 -23.47
CA THR C 169 -4.78 -15.93 -23.88
C THR C 169 -4.03 -15.03 -22.90
N ASP C 170 -2.72 -15.24 -22.78
CA ASP C 170 -1.94 -14.38 -21.90
C ASP C 170 -1.78 -13.09 -22.70
N GLN C 171 -1.32 -12.02 -22.05
CA GLN C 171 -1.14 -10.74 -22.73
C GLN C 171 -0.22 -10.90 -23.96
N ASP C 172 -0.68 -10.40 -25.11
CA ASP C 172 0.11 -10.55 -26.33
C ASP C 172 1.46 -9.88 -26.18
N SER C 173 2.49 -10.60 -26.60
CA SER C 173 3.86 -10.11 -26.51
C SER C 173 4.15 -9.05 -27.57
N LYS C 174 3.26 -8.92 -28.55
CA LYS C 174 3.46 -7.93 -29.61
C LYS C 174 2.71 -6.64 -29.32
N ASP C 175 1.37 -6.70 -29.32
CA ASP C 175 0.56 -5.52 -29.05
C ASP C 175 0.13 -5.33 -27.60
N SER C 176 0.52 -6.27 -26.73
CA SER C 176 0.17 -6.18 -25.31
C SER C 176 -1.34 -6.20 -25.01
N THR C 177 -2.13 -6.77 -25.89
CA THR C 177 -3.57 -6.86 -25.66
C THR C 177 -3.92 -8.28 -25.21
N TYR C 178 -5.22 -8.52 -25.01
CA TYR C 178 -5.70 -9.83 -24.57
C TYR C 178 -6.74 -10.31 -25.54
N SER C 179 -6.98 -11.62 -25.54
CA SER C 179 -7.99 -12.25 -26.39
C SER C 179 -8.63 -13.38 -25.59
N MET C 180 -9.88 -13.68 -25.90
CA MET C 180 -10.57 -14.75 -25.19
C MET C 180 -11.57 -15.42 -26.13
N SER C 181 -11.76 -16.71 -25.94
CA SER C 181 -12.72 -17.46 -26.75
C SER C 181 -13.83 -17.87 -25.80
N SER C 182 -15.02 -18.04 -26.36
CA SER C 182 -16.19 -18.43 -25.59
C SER C 182 -16.94 -19.44 -26.44
N THR C 183 -17.10 -20.65 -25.92
CA THR C 183 -17.80 -21.66 -26.69
C THR C 183 -19.04 -22.19 -26.00
N LEU C 184 -20.18 -22.02 -26.66
CA LEU C 184 -21.45 -22.53 -26.18
C LEU C 184 -21.63 -23.87 -26.92
N THR C 185 -21.76 -24.96 -26.18
CA THR C 185 -21.92 -26.27 -26.78
C THR C 185 -23.32 -26.83 -26.51
N LEU C 186 -24.01 -27.18 -27.58
CA LEU C 186 -25.36 -27.73 -27.49
C LEU C 186 -25.40 -29.10 -28.20
N THR C 187 -26.58 -29.51 -28.63
CA THR C 187 -26.73 -30.77 -29.33
C THR C 187 -27.34 -30.39 -30.69
N LYS C 188 -27.16 -31.23 -31.71
CA LYS C 188 -27.71 -30.93 -33.03
C LYS C 188 -29.21 -30.57 -32.88
N ASP C 189 -29.95 -31.42 -32.16
CA ASP C 189 -31.38 -31.20 -31.96
C ASP C 189 -31.68 -29.93 -31.18
N GLU C 190 -30.87 -29.65 -30.17
CA GLU C 190 -31.07 -28.46 -29.34
C GLU C 190 -30.80 -27.19 -30.16
N TYR C 191 -29.67 -27.19 -30.86
CA TYR C 191 -29.27 -26.06 -31.71
C TYR C 191 -30.35 -25.76 -32.76
N GLU C 192 -30.91 -26.81 -33.34
CA GLU C 192 -31.91 -26.65 -34.38
C GLU C 192 -33.26 -26.20 -33.84
N ARG C 193 -33.44 -26.30 -32.52
CA ARG C 193 -34.70 -25.89 -31.89
C ARG C 193 -34.83 -24.37 -31.74
N HIS C 194 -33.77 -23.65 -32.08
CA HIS C 194 -33.75 -22.18 -31.98
C HIS C 194 -33.23 -21.58 -33.28
N ASN C 195 -33.34 -20.26 -33.43
CA ASN C 195 -32.85 -19.63 -34.64
C ASN C 195 -31.84 -18.52 -34.40
N SER C 196 -31.99 -17.78 -33.31
CA SER C 196 -31.08 -16.68 -33.02
C SER C 196 -30.03 -16.96 -31.96
N TYR C 197 -28.78 -16.68 -32.33
CA TYR C 197 -27.65 -16.92 -31.46
C TYR C 197 -26.82 -15.66 -31.34
N THR C 198 -26.81 -15.09 -30.14
CA THR C 198 -26.10 -13.84 -29.84
C THR C 198 -24.95 -13.89 -28.83
N CYS C 199 -23.86 -13.23 -29.19
CA CYS C 199 -22.68 -13.13 -28.34
C CYS C 199 -22.49 -11.64 -28.00
N GLU C 200 -22.57 -11.30 -26.72
CA GLU C 200 -22.42 -9.91 -26.29
C GLU C 200 -21.23 -9.70 -25.38
N ALA C 201 -20.39 -8.72 -25.71
CA ALA C 201 -19.20 -8.42 -24.91
C ALA C 201 -19.30 -7.10 -24.15
N THR C 202 -19.04 -7.15 -22.84
CA THR C 202 -19.09 -5.94 -22.05
C THR C 202 -17.65 -5.57 -21.68
N HIS C 203 -17.15 -4.54 -22.34
CA HIS C 203 -15.81 -4.05 -22.11
C HIS C 203 -15.90 -2.62 -21.65
N LYS C 204 -14.87 -2.18 -20.94
CA LYS C 204 -14.85 -0.83 -20.41
C LYS C 204 -14.65 0.25 -21.48
N THR C 205 -14.35 -0.15 -22.72
CA THR C 205 -14.13 0.79 -23.83
C THR C 205 -15.39 1.27 -24.57
N SER C 206 -16.50 0.57 -24.35
CA SER C 206 -17.78 0.93 -24.96
C SER C 206 -18.83 0.97 -23.87
N THR C 207 -19.85 1.80 -24.05
CA THR C 207 -20.91 1.94 -23.06
C THR C 207 -21.76 0.68 -23.02
N SER C 208 -22.33 0.34 -24.17
CA SER C 208 -23.18 -0.85 -24.30
C SER C 208 -22.38 -2.03 -24.83
N PRO C 209 -22.85 -3.28 -24.55
CA PRO C 209 -22.12 -4.46 -25.02
C PRO C 209 -22.00 -4.50 -26.55
N ILE C 210 -20.91 -5.10 -27.01
CA ILE C 210 -20.69 -5.28 -28.44
C ILE C 210 -21.43 -6.58 -28.74
N VAL C 211 -22.48 -6.45 -29.55
CA VAL C 211 -23.33 -7.58 -29.90
C VAL C 211 -23.09 -8.15 -31.28
N LYS C 212 -22.95 -9.47 -31.33
CA LYS C 212 -22.73 -10.21 -32.59
C LYS C 212 -23.61 -11.44 -32.59
N SER C 213 -24.22 -11.75 -33.73
CA SER C 213 -25.08 -12.92 -33.81
C SER C 213 -25.43 -13.36 -35.23
N PHE C 214 -26.14 -14.47 -35.32
CA PHE C 214 -26.58 -15.01 -36.59
C PHE C 214 -27.91 -15.72 -36.37
N ASN C 215 -28.55 -16.06 -37.48
CA ASN C 215 -29.82 -16.76 -37.49
C ASN C 215 -29.64 -18.05 -38.25
N ARG C 216 -30.23 -19.13 -37.74
CA ARG C 216 -30.12 -20.42 -38.38
C ARG C 216 -30.67 -20.42 -39.81
N ASN C 217 -31.51 -19.43 -40.14
CA ASN C 217 -32.12 -19.37 -41.47
C ASN C 217 -31.69 -18.21 -42.37
N GLU C 218 -30.89 -17.30 -41.85
CA GLU C 218 -30.48 -16.17 -42.66
C GLU C 218 -29.11 -15.61 -42.34
N CYS C 219 -28.11 -16.15 -43.03
CA CYS C 219 -26.74 -15.67 -42.85
C CYS C 219 -26.00 -16.07 -41.59
N GLU D 1 28.29 -27.58 -9.57
CA GLU D 1 27.01 -26.91 -9.96
C GLU D 1 25.80 -27.65 -9.37
N VAL D 2 25.02 -26.92 -8.57
CA VAL D 2 23.82 -27.52 -7.99
C VAL D 2 22.84 -27.82 -9.11
N LYS D 3 22.21 -28.98 -8.99
CA LYS D 3 21.27 -29.40 -10.00
C LYS D 3 20.19 -30.25 -9.31
N LEU D 4 18.98 -30.17 -9.83
CA LEU D 4 17.86 -30.95 -9.33
C LEU D 4 17.06 -31.36 -10.56
N VAL D 5 16.92 -32.67 -10.77
CA VAL D 5 16.17 -33.17 -11.92
C VAL D 5 15.07 -34.15 -11.51
N GLU D 6 13.82 -33.71 -11.65
CA GLU D 6 12.67 -34.54 -11.29
C GLU D 6 12.29 -35.46 -12.45
N SER D 7 11.98 -36.71 -12.12
CA SER D 7 11.57 -37.69 -13.11
C SER D 7 10.42 -38.50 -12.53
N GLY D 8 9.77 -39.31 -13.35
CA GLY D 8 8.67 -40.13 -12.84
C GLY D 8 7.24 -39.65 -13.11
N GLY D 9 7.07 -38.38 -13.43
CA GLY D 9 5.75 -37.87 -13.69
C GLY D 9 5.10 -38.51 -14.92
N GLY D 10 3.77 -38.64 -14.89
CA GLY D 10 3.08 -39.22 -16.03
C GLY D 10 1.61 -39.27 -15.79
N LEU D 11 0.90 -40.04 -16.62
CA LEU D 11 -0.55 -40.21 -16.49
C LEU D 11 -0.90 -41.30 -15.48
N VAL D 12 -1.82 -41.00 -14.57
CA VAL D 12 -2.24 -41.96 -13.57
C VAL D 12 -3.74 -41.88 -13.27
N LYS D 13 -4.39 -43.04 -13.30
CA LYS D 13 -5.82 -43.12 -13.03
C LYS D 13 -6.07 -42.81 -11.56
N PRO D 14 -7.22 -42.18 -11.24
CA PRO D 14 -7.59 -41.82 -9.87
C PRO D 14 -7.34 -42.97 -8.90
N GLY D 15 -6.94 -42.63 -7.68
CA GLY D 15 -6.69 -43.65 -6.67
C GLY D 15 -5.41 -44.44 -6.84
N GLY D 16 -4.90 -44.49 -8.08
CA GLY D 16 -3.66 -45.22 -8.36
C GLY D 16 -2.44 -44.65 -7.67
N SER D 17 -1.27 -45.27 -7.90
CA SER D 17 -0.01 -44.86 -7.29
C SER D 17 1.10 -44.44 -8.27
N LEU D 18 2.04 -43.63 -7.78
CA LEU D 18 3.16 -43.14 -8.58
C LEU D 18 4.36 -42.77 -7.69
N LYS D 19 5.56 -43.05 -8.18
CA LYS D 19 6.77 -42.74 -7.42
C LYS D 19 7.58 -41.76 -8.25
N LEU D 20 7.78 -40.57 -7.69
CA LEU D 20 8.55 -39.54 -8.37
C LEU D 20 9.97 -39.53 -7.80
N SER D 21 10.92 -39.20 -8.65
CA SER D 21 12.31 -39.15 -8.23
C SER D 21 12.91 -37.78 -8.52
N CYS D 22 13.98 -37.47 -7.82
CA CYS D 22 14.67 -36.21 -7.98
C CYS D 22 16.14 -36.44 -7.64
N ALA D 23 16.96 -36.44 -8.68
CA ALA D 23 18.40 -36.64 -8.57
C ALA D 23 19.06 -35.29 -8.32
N ALA D 24 19.76 -35.16 -7.19
CA ALA D 24 20.42 -33.92 -6.86
C ALA D 24 21.91 -34.03 -7.19
N SER D 25 22.57 -32.88 -7.38
CA SER D 25 24.01 -32.81 -7.69
C SER D 25 24.58 -31.49 -7.14
N GLY D 26 25.88 -31.48 -6.86
CA GLY D 26 26.50 -30.26 -6.35
C GLY D 26 26.39 -30.04 -4.85
N PHE D 27 25.63 -30.88 -4.16
CA PHE D 27 25.48 -30.81 -2.71
C PHE D 27 25.05 -32.16 -2.12
N SER D 28 24.98 -32.22 -0.79
CA SER D 28 24.59 -33.44 -0.08
C SER D 28 23.31 -33.20 0.72
N PHE D 29 22.40 -34.18 0.66
CA PHE D 29 21.13 -34.13 1.39
C PHE D 29 21.38 -34.08 2.89
N ARG D 30 22.54 -34.56 3.31
CA ARG D 30 22.86 -34.57 4.73
C ARG D 30 23.20 -33.17 5.21
N ASN D 31 23.28 -32.23 4.27
CA ASN D 31 23.61 -30.84 4.61
C ASN D 31 22.49 -29.86 4.30
N TYR D 32 21.48 -30.31 3.55
CA TYR D 32 20.35 -29.47 3.16
C TYR D 32 19.00 -30.16 3.23
N GLY D 33 17.99 -29.37 3.57
CA GLY D 33 16.61 -29.85 3.63
C GLY D 33 16.01 -29.83 2.22
N MET D 34 15.16 -30.81 1.93
CA MET D 34 14.54 -30.92 0.62
C MET D 34 13.02 -30.88 0.73
N SER D 35 12.37 -30.37 -0.30
CA SER D 35 10.93 -30.29 -0.28
C SER D 35 10.37 -30.56 -1.66
N TRP D 36 9.08 -30.88 -1.69
CA TRP D 36 8.37 -31.07 -2.93
C TRP D 36 7.26 -30.02 -2.90
N VAL D 37 7.15 -29.28 -3.99
CA VAL D 37 6.13 -28.26 -4.13
C VAL D 37 5.54 -28.44 -5.53
N ARG D 38 4.21 -28.37 -5.61
CA ARG D 38 3.55 -28.55 -6.88
C ARG D 38 2.78 -27.32 -7.36
N GLN D 39 2.76 -27.10 -8.67
CA GLN D 39 2.01 -25.99 -9.23
C GLN D 39 0.88 -26.59 -10.02
N THR D 40 -0.34 -26.25 -9.62
CA THR D 40 -1.53 -26.78 -10.28
C THR D 40 -1.79 -26.13 -11.64
N PRO D 41 -2.70 -26.72 -12.43
CA PRO D 41 -3.01 -26.18 -13.74
C PRO D 41 -3.37 -24.70 -13.63
N GLU D 42 -4.09 -24.32 -12.58
CA GLU D 42 -4.46 -22.93 -12.40
C GLU D 42 -3.32 -22.06 -11.86
N LYS D 43 -2.11 -22.63 -11.87
CA LYS D 43 -0.89 -21.93 -11.43
C LYS D 43 -0.76 -21.65 -9.94
N ARG D 44 -1.49 -22.41 -9.13
CA ARG D 44 -1.42 -22.23 -7.69
C ARG D 44 -0.30 -23.12 -7.15
N LEU D 45 0.52 -22.56 -6.27
CA LEU D 45 1.64 -23.27 -5.67
C LEU D 45 1.21 -23.87 -4.33
N GLU D 46 1.48 -25.16 -4.19
CA GLU D 46 1.14 -25.93 -2.98
C GLU D 46 2.31 -26.72 -2.44
N TRP D 47 2.57 -26.55 -1.15
CA TRP D 47 3.63 -27.28 -0.47
C TRP D 47 3.14 -28.72 -0.34
N VAL D 48 3.98 -29.68 -0.70
CA VAL D 48 3.59 -31.09 -0.63
C VAL D 48 4.21 -31.81 0.57
N ALA D 49 5.52 -31.71 0.71
CA ALA D 49 6.21 -32.38 1.81
C ALA D 49 7.67 -32.03 1.80
N SER D 50 8.30 -32.04 2.98
CA SER D 50 9.72 -31.75 3.10
C SER D 50 10.42 -32.59 4.17
N ILE D 51 11.73 -32.76 3.98
CA ILE D 51 12.55 -33.55 4.88
C ILE D 51 13.83 -32.76 5.22
N SER D 52 14.14 -32.65 6.51
CA SER D 52 15.33 -31.91 6.93
C SER D 52 16.60 -32.71 6.69
N TYR D 53 17.74 -32.01 6.68
CA TYR D 53 19.04 -32.64 6.45
C TYR D 53 19.23 -33.75 7.49
N GLY D 54 18.48 -33.68 8.58
CA GLY D 54 18.58 -34.66 9.63
C GLY D 54 17.56 -35.79 9.53
N GLY D 55 16.68 -35.69 8.53
CA GLY D 55 15.68 -36.71 8.35
C GLY D 55 14.29 -36.39 8.88
N LEU D 56 14.12 -35.23 9.51
CA LEU D 56 12.81 -34.84 10.04
C LEU D 56 11.85 -34.56 8.89
N ILE D 57 10.67 -35.17 8.94
CA ILE D 57 9.68 -35.02 7.87
C ILE D 57 8.40 -34.26 8.22
N TYR D 58 7.90 -33.48 7.25
CA TYR D 58 6.67 -32.69 7.43
C TYR D 58 5.77 -32.69 6.19
N TYR D 59 4.48 -32.83 6.44
CA TYR D 59 3.46 -32.84 5.40
C TYR D 59 2.31 -32.00 5.87
N PRO D 60 1.52 -31.47 4.92
CA PRO D 60 0.38 -30.66 5.33
C PRO D 60 -0.69 -31.74 5.53
N ASP D 61 -1.70 -31.50 6.37
CA ASP D 61 -2.71 -32.51 6.59
C ASP D 61 -3.34 -33.07 5.31
N SER D 62 -3.40 -32.28 4.25
CA SER D 62 -3.98 -32.72 2.98
C SER D 62 -3.16 -33.79 2.27
N ILE D 63 -1.85 -33.75 2.44
CA ILE D 63 -1.00 -34.75 1.79
C ILE D 63 -0.59 -35.83 2.78
N LYS D 64 -0.68 -35.50 4.06
CA LYS D 64 -0.34 -36.44 5.12
C LYS D 64 -1.15 -37.73 4.90
N GLY D 65 -0.47 -38.86 4.98
CA GLY D 65 -1.16 -40.14 4.76
C GLY D 65 -1.08 -40.67 3.34
N ARG D 66 -1.39 -39.82 2.36
CA ARG D 66 -1.38 -40.21 0.95
C ARG D 66 0.01 -40.22 0.30
N PHE D 67 0.76 -39.12 0.46
CA PHE D 67 2.10 -39.02 -0.11
C PHE D 67 3.18 -39.28 0.94
N THR D 68 4.29 -39.83 0.49
CA THR D 68 5.42 -40.13 1.36
C THR D 68 6.75 -39.67 0.73
N ILE D 69 7.48 -38.84 1.47
CA ILE D 69 8.77 -38.36 1.03
C ILE D 69 9.87 -39.14 1.72
N SER D 70 10.90 -39.44 0.96
CA SER D 70 12.03 -40.18 1.47
C SER D 70 13.22 -39.72 0.65
N ARG D 71 14.39 -40.25 0.97
CA ARG D 71 15.61 -39.89 0.27
C ARG D 71 16.68 -41.00 0.38
N ASP D 72 17.48 -41.11 -0.66
CA ASP D 72 18.58 -42.06 -0.72
C ASP D 72 19.74 -41.07 -0.58
N ILE D 73 20.33 -41.00 0.60
CA ILE D 73 21.41 -40.07 0.82
C ILE D 73 22.63 -40.47 0.00
N ALA D 74 23.01 -41.74 0.09
CA ALA D 74 24.18 -42.26 -0.61
C ALA D 74 24.18 -41.95 -2.11
N GLN D 75 23.05 -42.16 -2.78
CA GLN D 75 22.94 -41.88 -4.20
C GLN D 75 22.50 -40.43 -4.40
N ASN D 76 22.02 -39.81 -3.33
CA ASN D 76 21.56 -38.43 -3.35
C ASN D 76 20.31 -38.22 -4.24
N ILE D 77 19.30 -39.06 -3.99
CA ILE D 77 18.05 -39.01 -4.76
C ILE D 77 16.88 -38.85 -3.80
N LEU D 78 16.03 -37.87 -4.10
CA LEU D 78 14.86 -37.59 -3.27
C LEU D 78 13.65 -38.24 -3.92
N TYR D 79 12.77 -38.81 -3.10
CA TYR D 79 11.60 -39.46 -3.62
C TYR D 79 10.29 -38.91 -3.08
N LEU D 80 9.22 -39.18 -3.84
CA LEU D 80 7.86 -38.81 -3.46
C LEU D 80 6.92 -39.93 -3.91
N GLN D 81 6.48 -40.74 -2.93
CA GLN D 81 5.55 -41.83 -3.15
C GLN D 81 4.13 -41.27 -3.10
N MET D 82 3.40 -41.42 -4.20
CA MET D 82 2.03 -40.90 -4.29
C MET D 82 1.02 -42.03 -4.42
N SER D 83 -0.07 -41.93 -3.65
CA SER D 83 -1.13 -42.93 -3.70
C SER D 83 -2.42 -42.17 -3.44
N SER D 84 -3.54 -42.88 -3.48
CA SER D 84 -4.85 -42.24 -3.24
C SER D 84 -4.98 -41.00 -4.14
N LEU D 85 -4.42 -41.10 -5.34
CA LEU D 85 -4.40 -39.99 -6.32
C LEU D 85 -5.77 -39.51 -6.81
N ARG D 86 -5.92 -38.19 -6.87
CA ARG D 86 -7.14 -37.54 -7.30
C ARG D 86 -6.75 -36.53 -8.38
N SER D 87 -7.74 -35.99 -9.09
CA SER D 87 -7.49 -35.02 -10.14
C SER D 87 -6.86 -33.73 -9.61
N GLU D 88 -7.14 -33.38 -8.36
CA GLU D 88 -6.57 -32.16 -7.77
C GLU D 88 -5.07 -32.33 -7.62
N ASP D 89 -4.63 -33.58 -7.63
CA ASP D 89 -3.21 -33.91 -7.50
C ASP D 89 -2.48 -33.65 -8.81
N THR D 90 -3.23 -33.32 -9.85
CA THR D 90 -2.65 -33.04 -11.16
C THR D 90 -1.84 -31.73 -11.10
N ALA D 91 -0.53 -31.85 -11.30
CA ALA D 91 0.32 -30.68 -11.24
C ALA D 91 1.72 -31.03 -11.68
N MET D 92 2.59 -30.02 -11.70
CA MET D 92 3.99 -30.18 -12.04
C MET D 92 4.66 -30.22 -10.67
N TYR D 93 5.36 -31.31 -10.38
CA TYR D 93 6.01 -31.48 -9.10
C TYR D 93 7.48 -31.10 -9.13
N HIS D 94 7.85 -30.20 -8.23
CA HIS D 94 9.22 -29.70 -8.13
C HIS D 94 9.87 -30.10 -6.80
N CYS D 95 11.12 -30.57 -6.87
CA CYS D 95 11.86 -30.86 -5.65
C CYS D 95 12.68 -29.60 -5.43
N ILE D 96 12.81 -29.21 -4.18
CA ILE D 96 13.51 -27.97 -3.88
C ILE D 96 14.49 -28.13 -2.74
N ARG D 97 15.63 -27.45 -2.87
CA ARG D 97 16.64 -27.48 -1.83
C ARG D 97 16.56 -26.14 -1.10
N GLY D 98 16.59 -26.17 0.22
CA GLY D 98 16.53 -24.95 0.98
C GLY D 98 17.69 -24.89 1.96
N ASP D 99 17.88 -23.74 2.58
CA ASP D 99 18.96 -23.57 3.54
C ASP D 99 18.38 -23.65 4.96
N SER D 100 18.94 -24.53 5.77
CA SER D 100 18.46 -24.75 7.14
C SER D 100 18.13 -23.50 7.94
N PHE D 101 16.87 -23.42 8.36
CA PHE D 101 16.35 -22.28 9.12
C PHE D 101 16.77 -20.95 8.52
N LEU D 102 16.76 -20.88 7.19
CA LEU D 102 17.18 -19.68 6.50
C LEU D 102 16.20 -19.40 5.35
N VAL D 103 16.10 -20.36 4.43
CA VAL D 103 15.21 -20.26 3.28
C VAL D 103 14.61 -21.63 2.96
N TRP D 104 13.29 -21.71 2.87
CA TRP D 104 12.63 -22.96 2.55
C TRP D 104 12.92 -23.48 1.15
N PHE D 105 12.63 -22.66 0.15
CA PHE D 105 12.81 -23.07 -1.25
C PHE D 105 13.81 -22.21 -2.02
N THR D 106 15.09 -22.39 -1.71
CA THR D 106 16.17 -21.62 -2.33
C THR D 106 16.40 -21.95 -3.81
N PHE D 107 16.40 -23.24 -4.15
CA PHE D 107 16.61 -23.70 -5.51
C PHE D 107 15.58 -24.75 -5.94
N TRP D 108 14.90 -24.47 -7.05
CA TRP D 108 13.87 -25.34 -7.59
C TRP D 108 14.32 -26.09 -8.85
N GLY D 109 13.82 -27.31 -9.02
CA GLY D 109 14.12 -28.04 -10.24
C GLY D 109 13.08 -27.56 -11.23
N GLN D 110 13.21 -27.94 -12.49
CA GLN D 110 12.26 -27.54 -13.53
C GLN D 110 10.91 -28.25 -13.35
N GLY D 111 10.93 -29.41 -12.68
CA GLY D 111 9.73 -30.17 -12.39
C GLY D 111 9.39 -31.36 -13.28
N THR D 112 8.44 -32.18 -12.83
CA THR D 112 7.96 -33.34 -13.57
C THR D 112 6.43 -33.37 -13.43
N LEU D 113 5.74 -33.41 -14.56
CA LEU D 113 4.27 -33.38 -14.58
C LEU D 113 3.58 -34.70 -14.25
N VAL D 114 2.56 -34.60 -13.40
CA VAL D 114 1.75 -35.75 -13.00
C VAL D 114 0.31 -35.40 -13.38
N THR D 115 -0.29 -36.20 -14.24
CA THR D 115 -1.67 -35.98 -14.67
C THR D 115 -2.57 -37.11 -14.18
N VAL D 116 -3.50 -36.80 -13.29
CA VAL D 116 -4.40 -37.80 -12.76
C VAL D 116 -5.75 -37.72 -13.47
N SER D 117 -6.05 -38.73 -14.28
CA SER D 117 -7.30 -38.78 -15.03
C SER D 117 -7.66 -40.20 -15.45
N ALA D 118 -8.94 -40.41 -15.67
CA ALA D 118 -9.46 -41.71 -16.10
C ALA D 118 -9.50 -41.76 -17.61
N ALA D 119 -9.55 -40.59 -18.24
CA ALA D 119 -9.62 -40.47 -19.70
C ALA D 119 -8.65 -41.37 -20.47
N LYS D 120 -9.04 -41.77 -21.67
CA LYS D 120 -8.19 -42.59 -22.51
C LYS D 120 -7.77 -41.81 -23.73
N THR D 121 -6.68 -42.21 -24.35
CA THR D 121 -6.18 -41.53 -25.54
C THR D 121 -7.31 -41.35 -26.56
N THR D 122 -7.71 -40.11 -26.77
CA THR D 122 -8.78 -39.82 -27.72
C THR D 122 -8.36 -38.75 -28.73
N ALA D 123 -8.47 -39.12 -30.01
CA ALA D 123 -8.13 -38.20 -31.09
C ALA D 123 -9.15 -37.07 -31.05
N PRO D 124 -8.70 -35.83 -31.32
CA PRO D 124 -9.60 -34.67 -31.30
C PRO D 124 -10.53 -34.58 -32.51
N SER D 125 -11.58 -33.80 -32.36
CA SER D 125 -12.55 -33.53 -33.43
C SER D 125 -12.24 -32.11 -33.93
N VAL D 126 -11.76 -31.98 -35.16
CA VAL D 126 -11.43 -30.67 -35.69
C VAL D 126 -12.50 -30.13 -36.63
N TYR D 127 -13.05 -28.97 -36.27
CA TYR D 127 -14.12 -28.35 -37.06
C TYR D 127 -13.72 -26.99 -37.56
N PRO D 128 -14.13 -26.64 -38.79
CA PRO D 128 -13.82 -25.34 -39.40
C PRO D 128 -14.82 -24.29 -38.93
N LEU D 129 -14.32 -23.14 -38.46
CA LEU D 129 -15.23 -22.08 -38.02
C LEU D 129 -15.31 -20.98 -39.08
N ALA D 130 -16.39 -21.02 -39.87
CA ALA D 130 -16.64 -20.06 -40.95
C ALA D 130 -17.45 -18.86 -40.51
N PRO D 131 -17.05 -17.65 -40.93
CA PRO D 131 -17.75 -16.41 -40.57
C PRO D 131 -19.23 -16.37 -40.98
N VAL D 132 -19.98 -15.51 -40.31
CA VAL D 132 -21.39 -15.34 -40.62
C VAL D 132 -21.40 -14.12 -41.54
N CYS D 133 -22.25 -14.13 -42.55
CA CYS D 133 -22.29 -13.04 -43.52
C CYS D 133 -22.36 -11.60 -42.98
N GLY D 134 -22.70 -11.42 -41.72
CA GLY D 134 -22.78 -10.09 -41.15
C GLY D 134 -21.45 -9.63 -40.56
N ASP D 135 -20.49 -10.55 -40.47
CA ASP D 135 -19.17 -10.24 -39.94
C ASP D 135 -18.18 -10.06 -41.08
N THR D 136 -18.58 -10.48 -42.28
CA THR D 136 -17.73 -10.43 -43.48
C THR D 136 -17.81 -9.16 -44.34
N THR D 137 -18.51 -8.13 -43.85
CA THR D 137 -18.68 -6.89 -44.60
C THR D 137 -17.60 -5.81 -44.38
N GLY D 138 -16.51 -6.17 -43.71
CA GLY D 138 -15.45 -5.20 -43.44
C GLY D 138 -14.14 -5.45 -44.16
N SER D 139 -13.10 -4.69 -43.78
CA SER D 139 -11.78 -4.81 -44.40
C SER D 139 -11.01 -6.09 -44.04
N SER D 140 -11.29 -6.64 -42.88
CA SER D 140 -10.64 -7.86 -42.43
C SER D 140 -11.69 -8.90 -42.16
N VAL D 141 -11.24 -10.14 -41.99
CA VAL D 141 -12.13 -11.26 -41.72
C VAL D 141 -11.45 -12.19 -40.71
N THR D 142 -12.23 -12.77 -39.80
CA THR D 142 -11.65 -13.68 -38.82
C THR D 142 -12.19 -15.09 -39.00
N LEU D 143 -11.28 -16.05 -39.09
CA LEU D 143 -11.66 -17.46 -39.26
C LEU D 143 -11.28 -18.21 -38.00
N GLY D 144 -11.83 -19.39 -37.83
CA GLY D 144 -11.49 -20.14 -36.64
C GLY D 144 -11.38 -21.63 -36.86
N CYS D 145 -11.02 -22.32 -35.79
CA CYS D 145 -10.84 -23.75 -35.81
C CYS D 145 -11.10 -24.24 -34.39
N LEU D 146 -12.05 -25.17 -34.27
CA LEU D 146 -12.43 -25.76 -33.00
C LEU D 146 -11.94 -27.20 -32.87
N VAL D 147 -10.92 -27.41 -32.04
CA VAL D 147 -10.33 -28.72 -31.81
C VAL D 147 -10.98 -29.27 -30.54
N LYS D 148 -11.95 -30.15 -30.74
CA LYS D 148 -12.74 -30.71 -29.62
C LYS D 148 -12.47 -32.12 -29.11
N GLY D 149 -12.70 -32.27 -27.81
CA GLY D 149 -12.55 -33.53 -27.09
C GLY D 149 -11.38 -34.48 -27.32
N TYR D 150 -10.17 -34.02 -27.06
CA TYR D 150 -9.00 -34.88 -27.24
C TYR D 150 -8.35 -35.24 -25.90
N PHE D 151 -7.54 -36.29 -25.92
CA PHE D 151 -6.81 -36.74 -24.74
C PHE D 151 -5.68 -37.68 -25.10
N PRO D 152 -4.50 -37.47 -24.49
CA PRO D 152 -4.26 -36.39 -23.53
C PRO D 152 -3.93 -35.13 -24.27
N GLU D 153 -3.28 -34.21 -23.56
CA GLU D 153 -2.81 -32.97 -24.12
C GLU D 153 -1.39 -33.35 -24.50
N PRO D 154 -0.78 -32.63 -25.45
CA PRO D 154 -1.37 -31.50 -26.15
C PRO D 154 -1.61 -31.80 -27.62
N VAL D 155 -2.02 -30.76 -28.35
CA VAL D 155 -2.24 -30.84 -29.79
C VAL D 155 -1.45 -29.67 -30.40
N THR D 156 -1.03 -29.83 -31.65
CA THR D 156 -0.30 -28.76 -32.32
C THR D 156 -1.10 -28.25 -33.51
N LEU D 157 -1.65 -27.04 -33.39
CA LEU D 157 -2.47 -26.45 -34.43
C LEU D 157 -1.75 -25.32 -35.18
N THR D 158 -1.76 -25.38 -36.50
CA THR D 158 -1.16 -24.32 -37.32
C THR D 158 -2.09 -23.92 -38.45
N TRP D 159 -1.73 -22.85 -39.13
CA TRP D 159 -2.53 -22.34 -40.25
C TRP D 159 -1.69 -22.35 -41.53
N ASN D 160 -2.20 -23.06 -42.54
CA ASN D 160 -1.51 -23.18 -43.81
C ASN D 160 -0.09 -23.72 -43.61
N SER D 161 0.07 -24.51 -42.55
CA SER D 161 1.34 -25.15 -42.15
C SER D 161 2.34 -24.25 -41.42
N GLY D 162 1.86 -23.13 -40.89
CA GLY D 162 2.72 -22.19 -40.20
C GLY D 162 3.00 -21.03 -41.13
N SER D 163 2.58 -21.18 -42.39
CA SER D 163 2.76 -20.14 -43.38
C SER D 163 1.94 -18.93 -42.94
N LEU D 164 0.90 -19.19 -42.16
CA LEU D 164 0.05 -18.13 -41.65
C LEU D 164 0.34 -18.03 -40.16
N SER D 165 1.19 -17.07 -39.81
CA SER D 165 1.61 -16.90 -38.43
C SER D 165 1.00 -15.73 -37.64
N SER D 166 0.98 -14.55 -38.26
CA SER D 166 0.46 -13.35 -37.60
C SER D 166 -1.06 -13.28 -37.54
N GLY D 167 -1.55 -12.47 -36.60
CA GLY D 167 -2.98 -12.31 -36.43
C GLY D 167 -3.64 -13.61 -36.02
N VAL D 168 -2.90 -14.46 -35.33
CA VAL D 168 -3.41 -15.74 -34.87
C VAL D 168 -3.52 -15.79 -33.36
N HIS D 169 -4.62 -16.38 -32.88
CA HIS D 169 -4.84 -16.54 -31.45
C HIS D 169 -5.28 -17.97 -31.18
N THR D 170 -4.36 -18.77 -30.65
CA THR D 170 -4.70 -20.13 -30.30
C THR D 170 -4.89 -20.06 -28.79
N PHE D 171 -6.09 -20.42 -28.34
CA PHE D 171 -6.43 -20.35 -26.92
C PHE D 171 -6.08 -21.58 -26.15
N PRO D 172 -5.64 -21.39 -24.90
CA PRO D 172 -5.27 -22.50 -24.00
C PRO D 172 -6.40 -23.54 -23.90
N ALA D 173 -6.02 -24.82 -23.87
CA ALA D 173 -7.00 -25.91 -23.76
C ALA D 173 -7.66 -25.93 -22.37
N VAL D 174 -8.93 -26.35 -22.35
CA VAL D 174 -9.70 -26.46 -21.12
C VAL D 174 -10.39 -27.84 -21.18
N LEU D 175 -10.78 -28.38 -20.03
CA LEU D 175 -11.48 -29.67 -19.97
C LEU D 175 -12.96 -29.46 -20.30
N GLN D 176 -13.51 -30.32 -21.13
CA GLN D 176 -14.92 -30.22 -21.50
C GLN D 176 -15.69 -31.30 -20.73
N SER D 177 -15.00 -32.38 -20.39
CA SER D 177 -15.55 -33.51 -19.64
C SER D 177 -14.50 -34.61 -19.65
N ASP D 178 -13.41 -34.39 -18.90
CA ASP D 178 -12.30 -35.35 -18.83
C ASP D 178 -11.56 -35.36 -20.15
N LEU D 179 -11.99 -34.50 -21.08
CA LEU D 179 -11.36 -34.39 -22.40
C LEU D 179 -11.07 -32.91 -22.62
N TYR D 180 -10.09 -32.63 -23.48
CA TYR D 180 -9.67 -31.26 -23.77
C TYR D 180 -10.24 -30.64 -25.04
N THR D 181 -10.53 -29.34 -24.97
CA THR D 181 -11.03 -28.64 -26.14
C THR D 181 -10.24 -27.36 -26.28
N LEU D 182 -9.95 -26.99 -27.52
CA LEU D 182 -9.18 -25.80 -27.81
C LEU D 182 -9.67 -25.15 -29.10
N SER D 183 -9.47 -23.85 -29.22
CA SER D 183 -9.87 -23.13 -30.42
C SER D 183 -8.77 -22.14 -30.84
N SER D 184 -8.71 -21.85 -32.13
CA SER D 184 -7.74 -20.91 -32.68
C SER D 184 -8.44 -19.99 -33.68
N SER D 185 -7.99 -18.75 -33.76
CA SER D 185 -8.56 -17.81 -34.71
C SER D 185 -7.45 -17.16 -35.49
N VAL D 186 -7.73 -16.84 -36.74
CA VAL D 186 -6.77 -16.17 -37.57
C VAL D 186 -7.49 -15.04 -38.29
N THR D 187 -6.88 -13.87 -38.27
CA THR D 187 -7.49 -12.73 -38.90
C THR D 187 -6.63 -12.34 -40.09
N VAL D 188 -7.29 -12.15 -41.23
CA VAL D 188 -6.64 -11.78 -42.48
C VAL D 188 -7.47 -10.75 -43.24
N THR D 189 -6.86 -10.11 -44.23
CA THR D 189 -7.56 -9.12 -45.04
C THR D 189 -8.71 -9.81 -45.79
N SER D 190 -9.78 -9.08 -46.03
CA SER D 190 -10.92 -9.63 -46.74
C SER D 190 -10.52 -10.11 -48.13
N SER D 191 -9.45 -9.54 -48.67
CA SER D 191 -8.99 -9.88 -50.01
C SER D 191 -8.27 -11.23 -50.08
N THR D 192 -8.04 -11.84 -48.93
CA THR D 192 -7.36 -13.12 -48.87
C THR D 192 -8.31 -14.31 -48.72
N TRP D 193 -9.55 -14.06 -48.32
CA TRP D 193 -10.49 -15.14 -48.13
C TRP D 193 -11.95 -14.68 -48.24
N PRO D 194 -12.82 -15.51 -48.84
CA PRO D 194 -12.44 -16.82 -49.38
C PRO D 194 -11.82 -16.91 -50.76
N SER D 195 -11.25 -15.82 -51.27
CA SER D 195 -10.61 -15.85 -52.58
C SER D 195 -9.44 -16.85 -52.56
N GLN D 196 -8.82 -17.02 -51.40
CA GLN D 196 -7.72 -17.95 -51.24
C GLN D 196 -8.12 -18.96 -50.15
N SER D 197 -7.48 -20.12 -50.15
CA SER D 197 -7.79 -21.13 -49.16
C SER D 197 -6.87 -20.99 -47.94
N ILE D 198 -7.48 -21.10 -46.76
CA ILE D 198 -6.79 -21.03 -45.48
C ILE D 198 -7.21 -22.32 -44.83
N THR D 199 -6.22 -23.07 -44.34
CA THR D 199 -6.48 -24.35 -43.71
C THR D 199 -5.89 -24.41 -42.31
N CYS D 200 -6.60 -25.15 -41.48
CA CYS D 200 -6.22 -25.37 -40.09
C CYS D 200 -5.58 -26.77 -40.02
N ASN D 201 -4.31 -26.82 -39.60
CA ASN D 201 -3.57 -28.07 -39.47
C ASN D 201 -3.48 -28.46 -38.02
N VAL D 202 -4.11 -29.58 -37.63
CA VAL D 202 -4.08 -30.04 -36.24
C VAL D 202 -3.46 -31.43 -36.04
N ALA D 203 -2.42 -31.49 -35.22
CA ALA D 203 -1.74 -32.73 -34.91
C ALA D 203 -1.98 -33.13 -33.44
N HIS D 204 -2.09 -34.42 -33.20
CA HIS D 204 -2.26 -34.94 -31.85
C HIS D 204 -1.32 -36.12 -31.80
N PRO D 205 -0.09 -35.89 -31.34
CA PRO D 205 0.91 -36.95 -31.25
C PRO D 205 0.47 -38.24 -30.54
N ALA D 206 -0.19 -38.10 -29.39
CA ALA D 206 -0.63 -39.26 -28.62
C ALA D 206 -1.45 -40.26 -29.44
N SER D 207 -2.35 -39.76 -30.26
CA SER D 207 -3.19 -40.64 -31.07
C SER D 207 -2.69 -40.75 -32.51
N SER D 208 -1.50 -40.22 -32.75
CA SER D 208 -0.91 -40.25 -34.08
C SER D 208 -1.86 -39.56 -35.06
N THR D 209 -2.43 -38.44 -34.62
CA THR D 209 -3.36 -37.64 -35.41
C THR D 209 -2.67 -36.45 -36.08
N GLN D 210 -3.05 -36.21 -37.33
CA GLN D 210 -2.53 -35.08 -38.10
C GLN D 210 -3.56 -34.76 -39.16
N VAL D 211 -4.58 -33.99 -38.77
CA VAL D 211 -5.64 -33.62 -39.68
C VAL D 211 -5.52 -32.16 -40.17
N ASP D 212 -6.25 -31.85 -41.24
CA ASP D 212 -6.26 -30.52 -41.83
C ASP D 212 -7.71 -30.13 -42.12
N LYS D 213 -8.07 -28.88 -41.86
CA LYS D 213 -9.42 -28.40 -42.10
C LYS D 213 -9.41 -27.07 -42.82
N LYS D 214 -9.84 -27.06 -44.08
CA LYS D 214 -9.88 -25.82 -44.83
C LYS D 214 -11.19 -25.12 -44.54
N ILE D 215 -11.11 -23.86 -44.12
CA ILE D 215 -12.32 -23.08 -43.81
C ILE D 215 -12.98 -22.58 -45.10
N GLU D 216 -14.23 -23.00 -45.32
CA GLU D 216 -15.02 -22.61 -46.49
C GLU D 216 -16.27 -21.80 -46.07
N PRO D 217 -16.78 -20.93 -46.96
CA PRO D 217 -17.95 -20.06 -46.73
C PRO D 217 -19.28 -20.71 -46.26
N ARG D 218 -19.87 -20.18 -45.19
CA ARG D 218 -21.14 -20.71 -44.67
C ARG D 218 -22.25 -20.58 -45.71
N GLY D 219 -23.21 -21.52 -45.72
CA GLY D 219 -24.33 -21.41 -46.65
C GLY D 219 -24.56 -22.50 -47.69
N PRO D 220 -25.37 -22.20 -48.72
CA PRO D 220 -25.68 -23.16 -49.79
C PRO D 220 -24.99 -22.81 -51.10
C1 OX1 E . -13.53 16.56 -7.67
C2 OX1 E . -14.49 16.49 -4.97
C3 OX1 E . -13.80 15.31 -7.04
C4 OX1 E . -13.74 17.76 -6.94
C5 OX1 E . -14.22 17.72 -5.61
C6 OX1 E . -14.29 15.28 -5.68
C7 OX1 E . -13.66 13.88 -7.68
C8 OX1 E . -14.56 13.83 -5.15
C9 OX1 E . -13.16 13.93 -9.15
O1 OX1 E . -15.00 13.31 -7.61
C10 OX1 E . -15.12 13.79 -3.72
O2 OX1 E . -15.55 13.28 -6.09
C11 OX1 E . -12.80 12.96 -6.73
C12 OX1 E . -11.50 11.37 -4.74
C13 OX1 E . -11.66 12.17 -7.05
C14 OX1 E . -13.29 12.94 -5.36
C15 OX1 E . -12.64 12.14 -4.38
C16 OX1 E . -11.02 11.38 -6.07
C17 OX1 E . -13.34 12.63 -9.96
C18 OX1 E . -12.30 12.53 -11.05
O3 OX1 E . -12.17 11.63 -11.84
O4 OX1 E . -11.33 13.52 -11.24
C1 OX1 F . 12.86 -24.29 9.00
C2 OX1 F . 13.76 -23.46 6.41
C3 OX1 F . 13.59 -25.20 8.18
C4 OX1 F . 12.58 -23.00 8.53
C5 OX1 F . 13.03 -22.58 7.24
C6 OX1 F . 14.05 -24.78 6.87
C7 OX1 F . 14.03 -26.67 8.54
C8 OX1 F . 14.85 -25.88 6.10
C9 OX1 F . 13.57 -27.14 9.95
O1 OX1 F . 15.48 -26.68 8.44
C10 OX1 F . 15.36 -25.43 4.72
O2 OX1 F . 15.98 -26.20 6.96
C11 OX1 F . 13.53 -27.61 7.38
C12 OX1 F . 12.82 -29.12 5.06
C13 OX1 F . 12.72 -28.80 7.50
C14 OX1 F . 13.98 -27.18 6.06
C15 OX1 F . 13.62 -27.95 4.92
C16 OX1 F . 12.38 -29.53 6.34
C17 OX1 F . 14.39 -28.36 10.47
C18 OX1 F . 13.90 -28.88 11.81
O3 OX1 F . 14.55 -29.43 12.67
O4 OX1 F . 12.59 -28.77 12.19
#